data_5AF7
#
_entry.id   5AF7
#
_cell.length_a   75.674
_cell.length_b   100.652
_cell.length_c   118.573
_cell.angle_alpha   90.00
_cell.angle_beta   90.00
_cell.angle_gamma   90.00
#
_symmetry.space_group_name_H-M   'P 21 21 2'
#
loop_
_entity.id
_entity.type
_entity.pdbx_description
1 polymer 'ACYL-COA DEHYDROGENASE'
2 non-polymer 'FLAVIN-ADENINE DINUCLEOTIDE'
3 non-polymer GLYCEROL
4 water water
#
_entity_poly.entity_id   1
_entity_poly.type   'polypeptide(L)'
_entity_poly.pdbx_seq_one_letter_code
;MYELTPEQRTLQTQARELAQSVFASTAVQTDLTEQYPWDNVAQLRDAGFMGMMLPTSVGGRGLSTLDTVIVIEEMAKACA
TMGRITVDSNLGAIGAITKYGSEEQIKLAADLVLAGDKPAICISEPNAGSAASEMTTRADKNGDHYILNGEKYWITGGGV
SKLHLIFARVFDDGVEQGIGAFITVLDDHGPEGLKVGRRLYAMGVRGIPETHLEFHDLKIHKSMMITFPDGLKRGFAALM
SAYNAQRVGAGAVALGIAQCAFEEGVAYLKRREQFGRPLAEFQGLQWMVADMSVQLEAARLMLRSAAVSGETFPDINKAA
QAKIFAAETANKVTNDALQFFGSSGYGRHNPMERHVRDARMFTIAGGTAQILRTQVASKILDMKLPQTRDGYLKAAQNSK
R
;
_entity_poly.pdbx_strand_id   A,B
#
loop_
_chem_comp.id
_chem_comp.type
_chem_comp.name
_chem_comp.formula
FAD non-polymer 'FLAVIN-ADENINE DINUCLEOTIDE' 'C27 H33 N9 O15 P2'
GOL non-polymer GLYCEROL 'C3 H8 O3'
#
# COMPACT_ATOMS: atom_id res chain seq x y z
N GLU A 3 -6.47 -5.02 32.32
CA GLU A 3 -5.53 -6.12 32.09
C GLU A 3 -6.24 -7.47 31.98
N LEU A 4 -5.53 -8.48 31.49
CA LEU A 4 -6.12 -9.80 31.25
C LEU A 4 -6.15 -10.69 32.49
N THR A 5 -7.20 -11.49 32.61
CA THR A 5 -7.28 -12.51 33.65
C THR A 5 -6.35 -13.68 33.30
N PRO A 6 -5.95 -14.47 34.32
CA PRO A 6 -5.21 -15.71 34.08
C PRO A 6 -5.83 -16.59 32.99
N GLU A 7 -7.15 -16.78 33.03
CA GLU A 7 -7.87 -17.55 32.03
C GLU A 7 -7.70 -16.97 30.62
N GLN A 8 -7.77 -15.65 30.53
CA GLN A 8 -7.62 -14.95 29.26
C GLN A 8 -6.19 -15.06 28.78
N ARG A 9 -5.24 -15.01 29.72
CA ARG A 9 -3.83 -15.17 29.37
C ARG A 9 -3.55 -16.56 28.82
N THR A 10 -4.20 -17.56 29.39
CA THR A 10 -4.03 -18.94 28.92
C THR A 10 -4.59 -19.07 27.51
N LEU A 11 -5.78 -18.52 27.29
CA LEU A 11 -6.39 -18.50 25.96
C LEU A 11 -5.51 -17.76 24.94
N GLN A 12 -4.97 -16.62 25.36
CA GLN A 12 -4.05 -15.85 24.51
C GLN A 12 -2.82 -16.66 24.11
N THR A 13 -2.26 -17.38 25.08
CA THR A 13 -1.07 -18.20 24.85
C THR A 13 -1.38 -19.34 23.87
N GLN A 14 -2.50 -20.01 24.08
CA GLN A 14 -2.91 -21.07 23.18
C GLN A 14 -3.10 -20.54 21.76
N ALA A 15 -3.70 -19.36 21.62
CA ALA A 15 -3.90 -18.78 20.28
C ALA A 15 -2.55 -18.39 19.68
N ARG A 16 -1.68 -17.79 20.48
CA ARG A 16 -0.36 -17.40 19.99
CA ARG A 16 -0.35 -17.40 20.01
C ARG A 16 0.43 -18.62 19.54
N GLU A 17 0.37 -19.71 20.30
CA GLU A 17 1.12 -20.90 19.95
CA GLU A 17 1.09 -20.95 19.96
C GLU A 17 0.70 -21.47 18.59
N LEU A 18 -0.61 -21.56 18.34
CA LEU A 18 -1.08 -22.03 17.04
C LEU A 18 -0.70 -21.07 15.92
N ALA A 19 -0.92 -19.78 16.16
CA ALA A 19 -0.60 -18.76 15.17
C ALA A 19 0.88 -18.81 14.79
N GLN A 20 1.76 -18.85 15.80
CA GLN A 20 3.18 -18.75 15.53
C GLN A 20 3.76 -20.08 15.00
N SER A 21 3.30 -21.20 15.53
CA SER A 21 3.86 -22.49 15.13
C SER A 21 3.32 -23.01 13.80
N VAL A 22 2.09 -22.62 13.46
CA VAL A 22 1.47 -23.13 12.24
C VAL A 22 1.19 -22.04 11.20
N PHE A 23 0.59 -20.92 11.61
CA PHE A 23 0.07 -19.98 10.61
C PHE A 23 1.12 -19.04 10.04
N ALA A 24 2.05 -18.60 10.89
CA ALA A 24 2.96 -17.52 10.51
C ALA A 24 3.78 -17.87 9.27
N SER A 25 4.21 -19.12 9.15
CA SER A 25 5.04 -19.52 8.02
C SER A 25 4.24 -19.67 6.73
N THR A 26 2.92 -19.56 6.80
CA THR A 26 2.08 -19.73 5.61
C THR A 26 1.66 -18.39 5.01
N ALA A 27 1.90 -17.29 5.72
CA ALA A 27 1.28 -16.02 5.36
C ALA A 27 1.76 -15.51 4.00
N VAL A 28 3.05 -15.67 3.70
CA VAL A 28 3.57 -15.25 2.39
C VAL A 28 2.91 -16.01 1.23
N GLN A 29 2.84 -17.35 1.35
CA GLN A 29 2.29 -18.15 0.26
C GLN A 29 0.81 -17.87 0.08
N THR A 30 0.08 -17.73 1.19
CA THR A 30 -1.34 -17.43 1.11
C THR A 30 -1.56 -16.11 0.35
N ASP A 31 -0.74 -15.10 0.63
CA ASP A 31 -0.87 -13.82 -0.08
C ASP A 31 -0.48 -13.95 -1.54
N LEU A 32 0.56 -14.74 -1.81
CA LEU A 32 1.07 -14.93 -3.16
C LEU A 32 0.07 -15.68 -4.04
N THR A 33 -0.48 -16.79 -3.55
CA THR A 33 -1.40 -17.58 -4.35
C THR A 33 -2.83 -17.04 -4.38
N GLU A 34 -3.17 -16.24 -3.38
CA GLU A 34 -4.53 -15.72 -3.17
C GLU A 34 -5.52 -16.88 -3.04
N GLN A 35 -5.06 -18.01 -2.48
CA GLN A 35 -5.94 -19.16 -2.28
C GLN A 35 -6.29 -19.37 -0.81
N TYR A 36 -7.54 -19.74 -0.54
CA TYR A 36 -8.06 -20.02 0.79
C TYR A 36 -7.26 -21.15 1.47
N PRO A 37 -6.66 -20.87 2.65
CA PRO A 37 -5.78 -21.87 3.27
C PRO A 37 -6.57 -22.92 4.05
N TRP A 38 -7.08 -23.92 3.33
CA TRP A 38 -7.90 -24.96 3.95
C TRP A 38 -7.15 -25.65 5.08
N ASP A 39 -5.85 -25.88 4.89
CA ASP A 39 -5.07 -26.57 5.92
C ASP A 39 -5.08 -25.79 7.23
N ASN A 40 -4.93 -24.47 7.15
CA ASN A 40 -4.98 -23.67 8.35
C ASN A 40 -6.37 -23.66 9.00
N VAL A 41 -7.41 -23.60 8.18
CA VAL A 41 -8.76 -23.53 8.71
C VAL A 41 -9.09 -24.76 9.54
N ALA A 42 -8.65 -25.94 9.06
CA ALA A 42 -8.90 -27.19 9.77
C ALA A 42 -8.28 -27.16 11.17
N GLN A 43 -7.07 -26.61 11.25
CA GLN A 43 -6.37 -26.54 12.51
C GLN A 43 -6.92 -25.42 13.39
N LEU A 44 -7.39 -24.34 12.78
CA LEU A 44 -8.11 -23.31 13.54
C LEU A 44 -9.33 -23.96 14.22
N ARG A 45 -10.05 -24.76 13.45
CA ARG A 45 -11.21 -25.48 13.96
C ARG A 45 -10.82 -26.45 15.07
N ASP A 46 -9.83 -27.29 14.78
CA ASP A 46 -9.44 -28.33 15.73
C ASP A 46 -8.96 -27.74 17.06
N ALA A 47 -8.38 -26.55 17.03
CA ALA A 47 -7.89 -25.91 18.24
C ALA A 47 -9.00 -25.17 18.99
N GLY A 48 -10.21 -25.21 18.45
CA GLY A 48 -11.36 -24.67 19.15
C GLY A 48 -11.60 -23.18 18.97
N PHE A 49 -11.03 -22.60 17.91
CA PHE A 49 -11.13 -21.15 17.73
C PHE A 49 -12.21 -20.71 16.75
N MET A 50 -13.09 -21.62 16.36
CA MET A 50 -14.23 -21.23 15.54
C MET A 50 -15.54 -21.40 16.31
N GLY A 51 -16.46 -20.46 16.12
CA GLY A 51 -17.72 -20.46 16.86
C GLY A 51 -17.54 -20.40 18.37
N MET A 52 -16.53 -19.65 18.81
CA MET A 52 -16.18 -19.61 20.23
C MET A 52 -17.30 -19.07 21.13
N MET A 53 -18.15 -18.21 20.59
CA MET A 53 -19.18 -17.58 21.42
C MET A 53 -20.51 -18.33 21.34
N LEU A 54 -20.55 -19.43 20.59
CA LEU A 54 -21.73 -20.28 20.56
C LEU A 54 -21.95 -20.85 21.96
N PRO A 55 -23.21 -20.93 22.38
CA PRO A 55 -23.52 -21.50 23.70
C PRO A 55 -23.08 -22.95 23.80
N THR A 56 -22.71 -23.40 25.00
CA THR A 56 -22.32 -24.79 25.23
C THR A 56 -23.44 -25.78 24.89
N SER A 57 -24.69 -25.32 24.95
CA SER A 57 -25.83 -26.17 24.61
C SER A 57 -25.82 -26.67 23.16
N VAL A 58 -25.13 -25.95 22.27
CA VAL A 58 -25.05 -26.38 20.87
C VAL A 58 -23.64 -26.80 20.50
N GLY A 59 -22.78 -26.96 21.50
CA GLY A 59 -21.43 -27.42 21.24
C GLY A 59 -20.38 -26.32 21.22
N GLY A 60 -20.78 -25.09 21.55
CA GLY A 60 -19.84 -24.00 21.60
C GLY A 60 -19.05 -23.92 22.90
N ARG A 61 -18.19 -22.92 23.02
CA ARG A 61 -17.38 -22.73 24.23
C ARG A 61 -17.95 -21.66 25.14
N GLY A 62 -18.97 -20.96 24.66
CA GLY A 62 -19.63 -19.93 25.44
C GLY A 62 -18.72 -18.78 25.86
N LEU A 63 -17.71 -18.47 25.05
CA LEU A 63 -16.77 -17.41 25.40
C LEU A 63 -17.32 -16.01 25.09
N SER A 64 -16.57 -14.97 25.50
CA SER A 64 -17.03 -13.59 25.35
C SER A 64 -16.46 -12.90 24.12
N THR A 65 -17.00 -11.72 23.81
CA THR A 65 -16.46 -10.88 22.75
C THR A 65 -14.99 -10.57 23.02
N LEU A 66 -14.68 -10.18 24.27
CA LEU A 66 -13.29 -9.93 24.65
C LEU A 66 -12.39 -11.14 24.40
N ASP A 67 -12.85 -12.33 24.79
CA ASP A 67 -12.12 -13.55 24.49
C ASP A 67 -11.79 -13.67 23.01
N THR A 68 -12.76 -13.39 22.16
CA THR A 68 -12.54 -13.59 20.71
C THR A 68 -11.57 -12.55 20.19
N VAL A 69 -11.67 -11.32 20.69
CA VAL A 69 -10.78 -10.22 20.29
C VAL A 69 -9.31 -10.53 20.66
N ILE A 70 -9.13 -11.18 21.79
CA ILE A 70 -7.80 -11.59 22.23
C ILE A 70 -7.23 -12.59 21.22
N VAL A 71 -8.08 -13.53 20.81
CA VAL A 71 -7.67 -14.62 19.92
C VAL A 71 -7.44 -14.09 18.52
N ILE A 72 -8.36 -13.25 18.06
CA ILE A 72 -8.27 -12.67 16.73
C ILE A 72 -6.95 -11.94 16.54
N GLU A 73 -6.55 -11.14 17.53
CA GLU A 73 -5.31 -10.39 17.40
C GLU A 73 -4.11 -11.32 17.20
N GLU A 74 -4.06 -12.42 17.96
CA GLU A 74 -2.97 -13.37 17.80
C GLU A 74 -2.96 -14.01 16.42
N MET A 75 -4.15 -14.33 15.90
CA MET A 75 -4.20 -14.93 14.56
C MET A 75 -3.74 -13.94 13.50
N ALA A 76 -4.18 -12.70 13.64
CA ALA A 76 -3.87 -11.67 12.65
C ALA A 76 -2.39 -11.32 12.64
N LYS A 77 -1.74 -11.42 13.81
CA LYS A 77 -0.30 -11.19 13.88
C LYS A 77 0.46 -12.18 12.99
N ALA A 78 -0.10 -13.38 12.80
CA ALA A 78 0.57 -14.39 11.98
C ALA A 78 0.19 -14.22 10.51
N CYS A 79 -1.09 -13.97 10.26
CA CYS A 79 -1.63 -13.93 8.90
C CYS A 79 -2.93 -13.15 8.90
N ALA A 80 -3.03 -12.13 8.05
CA ALA A 80 -4.24 -11.30 7.97
C ALA A 80 -5.46 -12.12 7.55
N THR A 81 -5.23 -13.10 6.68
CA THR A 81 -6.28 -13.99 6.23
C THR A 81 -6.81 -14.80 7.39
N MET A 82 -5.90 -15.39 8.16
CA MET A 82 -6.33 -16.17 9.33
C MET A 82 -7.04 -15.27 10.35
N GLY A 83 -6.64 -14.00 10.40
CA GLY A 83 -7.32 -13.04 11.27
C GLY A 83 -8.77 -12.84 10.87
N ARG A 84 -9.01 -12.60 9.59
CA ARG A 84 -10.37 -12.35 9.12
C ARG A 84 -11.21 -13.62 9.17
N ILE A 85 -10.60 -14.76 8.88
CA ILE A 85 -11.31 -16.02 9.01
C ILE A 85 -11.81 -16.18 10.46
N THR A 86 -10.96 -15.82 11.41
CA THR A 86 -11.33 -15.92 12.82
C THR A 86 -12.46 -14.95 13.18
N VAL A 87 -12.44 -13.75 12.61
CA VAL A 87 -13.53 -12.80 12.85
C VAL A 87 -14.86 -13.38 12.34
N ASP A 88 -14.87 -13.78 11.08
CA ASP A 88 -16.10 -14.23 10.44
C ASP A 88 -16.65 -15.54 11.02
N SER A 89 -15.78 -16.36 11.60
CA SER A 89 -16.27 -17.59 12.20
C SER A 89 -16.62 -17.43 13.69
N ASN A 90 -16.61 -16.19 14.18
CA ASN A 90 -16.93 -15.96 15.59
C ASN A 90 -17.89 -14.79 15.83
N LEU A 91 -17.90 -13.81 14.92
CA LEU A 91 -18.70 -12.59 15.06
C LEU A 91 -19.43 -12.25 13.78
N GLY A 92 -20.48 -11.45 13.86
CA GLY A 92 -21.17 -10.99 12.66
C GLY A 92 -22.40 -11.81 12.38
N ALA A 93 -22.44 -12.47 11.22
CA ALA A 93 -23.58 -13.31 10.83
C ALA A 93 -23.89 -14.35 11.90
N ILE A 94 -22.85 -15.03 12.39
CA ILE A 94 -23.06 -16.09 13.38
C ILE A 94 -23.59 -15.53 14.70
N GLY A 95 -23.17 -14.31 15.05
CA GLY A 95 -23.69 -13.65 16.23
C GLY A 95 -25.14 -13.25 16.06
N ALA A 96 -25.51 -12.76 14.88
CA ALA A 96 -26.89 -12.41 14.60
C ALA A 96 -27.81 -13.64 14.67
N ILE A 97 -27.33 -14.76 14.13
CA ILE A 97 -28.12 -15.99 14.14
C ILE A 97 -28.22 -16.50 15.57
N THR A 98 -27.13 -16.44 16.31
CA THR A 98 -27.10 -16.90 17.70
C THR A 98 -28.10 -16.14 18.59
N LYS A 99 -28.25 -14.85 18.37
CA LYS A 99 -29.13 -14.04 19.20
C LYS A 99 -30.59 -14.02 18.73
N TYR A 100 -30.81 -13.97 17.42
CA TYR A 100 -32.17 -13.80 16.92
C TYR A 100 -32.71 -15.03 16.18
N GLY A 101 -31.89 -16.06 16.04
CA GLY A 101 -32.27 -17.24 15.28
C GLY A 101 -33.19 -18.19 16.03
N SER A 102 -33.94 -18.98 15.28
CA SER A 102 -34.74 -20.05 15.85
C SER A 102 -33.81 -21.16 16.29
N GLU A 103 -34.32 -22.09 17.08
CA GLU A 103 -33.52 -23.22 17.54
C GLU A 103 -32.94 -23.96 16.35
N GLU A 104 -33.76 -24.10 15.31
CA GLU A 104 -33.38 -24.80 14.10
C GLU A 104 -32.25 -24.06 13.37
N GLN A 105 -32.41 -22.75 13.25
CA GLN A 105 -31.41 -21.95 12.55
C GLN A 105 -30.08 -21.94 13.30
N ILE A 106 -30.14 -21.92 14.62
CA ILE A 106 -28.94 -21.93 15.43
C ILE A 106 -28.17 -23.24 15.29
N LYS A 107 -28.86 -24.38 15.34
CA LYS A 107 -28.18 -25.66 15.21
C LYS A 107 -27.53 -25.81 13.85
N LEU A 108 -28.25 -25.40 12.82
CA LEU A 108 -27.73 -25.44 11.46
C LEU A 108 -26.40 -24.67 11.38
N ALA A 109 -26.44 -23.44 11.88
CA ALA A 109 -25.30 -22.53 11.75
C ALA A 109 -24.14 -23.01 12.61
N ALA A 110 -24.46 -23.47 13.82
CA ALA A 110 -23.46 -23.97 14.76
C ALA A 110 -22.75 -25.21 14.25
N ASP A 111 -23.53 -26.16 13.74
CA ASP A 111 -22.95 -27.39 13.19
C ASP A 111 -21.97 -27.07 12.06
N LEU A 112 -22.34 -26.11 11.21
CA LEU A 112 -21.47 -25.71 10.11
C LEU A 112 -20.18 -25.02 10.59
N VAL A 113 -20.33 -24.04 11.49
CA VAL A 113 -19.17 -23.30 11.97
C VAL A 113 -18.24 -24.17 12.79
N LEU A 114 -18.81 -24.98 13.69
CA LEU A 114 -17.99 -25.87 14.50
C LEU A 114 -17.27 -26.94 13.68
N ALA A 115 -17.78 -27.20 12.48
CA ALA A 115 -17.14 -28.13 11.56
C ALA A 115 -16.15 -27.43 10.64
N GLY A 116 -15.97 -26.13 10.80
CA GLY A 116 -14.96 -25.43 10.02
C GLY A 116 -15.45 -24.48 8.94
N ASP A 117 -16.74 -24.18 8.92
CA ASP A 117 -17.25 -23.23 7.93
C ASP A 117 -17.02 -21.78 8.40
N LYS A 118 -16.57 -20.95 7.48
CA LYS A 118 -16.54 -19.51 7.71
C LYS A 118 -17.76 -18.92 7.00
N PRO A 119 -18.78 -18.56 7.77
CA PRO A 119 -20.00 -18.00 7.17
C PRO A 119 -19.73 -16.75 6.35
N ALA A 120 -20.60 -16.51 5.38
CA ALA A 120 -20.55 -15.28 4.60
C ALA A 120 -21.77 -14.45 4.91
N ILE A 121 -21.57 -13.15 5.13
CA ILE A 121 -22.68 -12.23 5.27
C ILE A 121 -22.80 -11.46 3.96
N CYS A 122 -24.04 -11.25 3.51
CA CYS A 122 -24.26 -10.75 2.16
C CYS A 122 -25.21 -9.58 2.17
N ILE A 123 -24.64 -8.37 2.27
CA ILE A 123 -25.41 -7.15 2.44
C ILE A 123 -25.18 -6.16 1.33
N SER A 124 -23.90 -5.89 1.06
CA SER A 124 -23.51 -4.79 0.19
C SER A 124 -23.70 -5.13 -1.28
N GLU A 125 -24.00 -4.09 -2.05
CA GLU A 125 -24.25 -4.18 -3.48
C GLU A 125 -23.54 -3.03 -4.20
N PRO A 126 -23.30 -3.19 -5.51
CA PRO A 126 -22.64 -2.13 -6.30
C PRO A 126 -23.16 -0.72 -6.03
N ASN A 127 -24.47 -0.55 -5.89
CA ASN A 127 -25.06 0.77 -5.68
C ASN A 127 -25.58 1.00 -4.27
N ALA A 128 -25.22 0.11 -3.35
CA ALA A 128 -25.66 0.23 -1.96
C ALA A 128 -24.53 -0.15 -1.03
N GLY A 129 -23.87 0.87 -0.49
CA GLY A 129 -22.73 0.68 0.39
C GLY A 129 -23.03 1.28 1.74
N SER A 130 -22.61 2.53 1.94
CA SER A 130 -22.88 3.22 3.19
C SER A 130 -24.38 3.38 3.39
N ALA A 131 -25.10 3.56 2.28
CA ALA A 131 -26.56 3.61 2.32
C ALA A 131 -27.12 2.22 2.05
N ALA A 132 -26.89 1.31 2.99
CA ALA A 132 -27.23 -0.11 2.82
C ALA A 132 -28.73 -0.33 2.61
N SER A 133 -29.56 0.53 3.18
CA SER A 133 -31.01 0.37 3.08
C SER A 133 -31.53 0.65 1.67
N GLU A 134 -30.63 1.08 0.78
CA GLU A 134 -30.97 1.33 -0.60
C GLU A 134 -30.84 0.07 -1.45
N MET A 135 -30.54 -1.07 -0.81
CA MET A 135 -30.32 -2.32 -1.53
C MET A 135 -31.51 -2.70 -2.42
N THR A 136 -31.24 -3.43 -3.49
CA THR A 136 -32.26 -3.78 -4.48
C THR A 136 -32.56 -5.28 -4.52
N THR A 137 -31.68 -6.09 -3.91
CA THR A 137 -31.96 -7.51 -3.77
C THR A 137 -33.31 -7.68 -3.10
N ARG A 138 -34.17 -8.52 -3.67
CA ARG A 138 -35.52 -8.68 -3.16
C ARG A 138 -35.88 -10.13 -2.92
N ALA A 139 -36.78 -10.33 -1.95
CA ALA A 139 -37.31 -11.64 -1.65
C ALA A 139 -38.83 -11.56 -1.73
N ASP A 140 -39.43 -12.30 -2.66
CA ASP A 140 -40.88 -12.26 -2.84
C ASP A 140 -41.53 -13.52 -2.31
N LYS A 141 -42.58 -13.33 -1.51
CA LYS A 141 -43.30 -14.42 -0.90
C LYS A 141 -43.92 -15.35 -1.94
N ASN A 142 -43.82 -16.66 -1.70
CA ASN A 142 -44.42 -17.67 -2.55
C ASN A 142 -44.74 -18.90 -1.71
N GLY A 143 -45.98 -18.98 -1.22
CA GLY A 143 -46.36 -20.03 -0.29
C GLY A 143 -45.59 -19.91 1.00
N ASP A 144 -44.99 -21.03 1.42
CA ASP A 144 -44.22 -21.07 2.66
C ASP A 144 -42.75 -20.80 2.36
N HIS A 145 -42.47 -20.27 1.18
CA HIS A 145 -41.12 -19.96 0.74
C HIS A 145 -40.96 -18.48 0.41
N TYR A 146 -39.71 -18.07 0.21
CA TYR A 146 -39.42 -16.76 -0.36
C TYR A 146 -38.51 -16.98 -1.55
N ILE A 147 -38.74 -16.19 -2.60
CA ILE A 147 -37.98 -16.32 -3.84
C ILE A 147 -37.04 -15.14 -3.95
N LEU A 148 -35.74 -15.39 -3.95
CA LEU A 148 -34.79 -14.28 -3.91
C LEU A 148 -34.19 -14.00 -5.28
N ASN A 149 -34.16 -12.73 -5.64
CA ASN A 149 -33.49 -12.28 -6.86
C ASN A 149 -32.67 -11.04 -6.58
N GLY A 150 -31.44 -11.01 -7.07
CA GLY A 150 -30.60 -9.85 -6.89
C GLY A 150 -29.11 -10.18 -6.94
N GLU A 151 -28.30 -9.28 -6.40
CA GLU A 151 -26.87 -9.40 -6.53
C GLU A 151 -26.15 -8.68 -5.41
N LYS A 152 -25.14 -9.33 -4.85
CA LYS A 152 -24.30 -8.73 -3.82
C LYS A 152 -22.88 -8.71 -4.35
N TYR A 153 -21.98 -7.99 -3.68
CA TYR A 153 -20.59 -8.07 -4.07
C TYR A 153 -19.66 -7.87 -2.87
N TRP A 154 -18.36 -8.00 -3.12
CA TRP A 154 -17.35 -8.02 -2.06
C TRP A 154 -17.77 -8.99 -0.96
N ILE A 155 -18.30 -10.14 -1.35
CA ILE A 155 -18.68 -11.14 -0.36
C ILE A 155 -17.44 -11.93 0.08
N THR A 156 -17.03 -11.70 1.31
CA THR A 156 -15.88 -12.37 1.89
C THR A 156 -16.16 -13.85 2.15
N GLY A 157 -15.53 -14.71 1.37
CA GLY A 157 -15.78 -16.13 1.47
C GLY A 157 -16.55 -16.69 0.28
N GLY A 158 -16.89 -15.82 -0.68
CA GLY A 158 -17.57 -16.25 -1.88
C GLY A 158 -16.86 -17.43 -2.51
N GLY A 159 -17.55 -18.55 -2.62
CA GLY A 159 -16.97 -19.74 -3.24
C GLY A 159 -16.33 -20.72 -2.28
N VAL A 160 -16.13 -20.31 -1.03
CA VAL A 160 -15.59 -21.23 -0.04
C VAL A 160 -16.51 -21.31 1.19
N SER A 161 -17.19 -20.22 1.52
CA SER A 161 -18.17 -20.26 2.61
C SER A 161 -19.34 -21.17 2.25
N LYS A 162 -19.89 -21.88 3.25
CA LYS A 162 -21.10 -22.66 3.05
C LYS A 162 -22.34 -21.91 3.55
N LEU A 163 -22.32 -21.54 4.83
CA LEU A 163 -23.42 -20.76 5.41
C LEU A 163 -23.43 -19.35 4.82
N HIS A 164 -24.58 -18.93 4.31
CA HIS A 164 -24.75 -17.54 3.88
C HIS A 164 -25.91 -16.93 4.63
N LEU A 165 -25.73 -15.68 5.07
CA LEU A 165 -26.82 -14.87 5.63
C LEU A 165 -27.09 -13.71 4.67
N ILE A 166 -28.24 -13.74 4.01
CA ILE A 166 -28.52 -12.79 2.93
C ILE A 166 -29.56 -11.77 3.34
N PHE A 167 -29.26 -10.49 3.12
CA PHE A 167 -30.20 -9.42 3.41
C PHE A 167 -30.89 -8.99 2.12
N ALA A 168 -32.21 -8.93 2.17
CA ALA A 168 -33.02 -8.67 0.98
C ALA A 168 -34.23 -7.86 1.35
N ARG A 169 -34.72 -7.05 0.41
CA ARG A 169 -35.93 -6.29 0.60
C ARG A 169 -37.11 -7.23 0.40
N VAL A 170 -37.97 -7.34 1.41
CA VAL A 170 -39.00 -8.37 1.41
C VAL A 170 -40.34 -7.80 0.90
N PHE A 171 -40.98 -8.56 0.02
CA PHE A 171 -42.28 -8.20 -0.55
C PHE A 171 -43.27 -9.35 -0.36
N ASP A 172 -44.45 -9.03 0.17
CA ASP A 172 -45.55 -9.99 0.23
C ASP A 172 -46.56 -9.64 -0.84
N ASP A 173 -46.64 -10.47 -1.88
CA ASP A 173 -47.51 -10.22 -3.03
C ASP A 173 -47.43 -8.78 -3.49
N GLY A 174 -46.22 -8.27 -3.66
CA GLY A 174 -46.00 -6.93 -4.16
C GLY A 174 -45.96 -5.84 -3.10
N VAL A 175 -46.28 -6.21 -1.87
CA VAL A 175 -46.31 -5.22 -0.79
C VAL A 175 -45.04 -5.29 0.06
N GLU A 176 -44.28 -4.20 0.03
CA GLU A 176 -42.98 -4.15 0.71
C GLU A 176 -43.11 -4.27 2.22
N GLN A 177 -42.36 -5.20 2.80
CA GLN A 177 -42.43 -5.49 4.23
C GLN A 177 -41.23 -4.95 5.01
N GLY A 178 -40.15 -4.61 4.30
CA GLY A 178 -38.92 -4.19 4.95
C GLY A 178 -37.76 -5.09 4.55
N ILE A 179 -36.63 -4.94 5.23
CA ILE A 179 -35.45 -5.74 4.91
C ILE A 179 -35.32 -6.90 5.87
N GLY A 180 -35.17 -8.10 5.33
CA GLY A 180 -35.04 -9.31 6.14
C GLY A 180 -33.78 -10.10 5.81
N ALA A 181 -33.43 -11.02 6.70
CA ALA A 181 -32.25 -11.85 6.51
C ALA A 181 -32.66 -13.29 6.27
N PHE A 182 -31.97 -13.93 5.33
CA PHE A 182 -32.27 -15.29 4.94
C PHE A 182 -31.05 -16.19 5.02
N ILE A 183 -31.23 -17.37 5.58
CA ILE A 183 -30.16 -18.35 5.71
C ILE A 183 -30.21 -19.34 4.56
N THR A 184 -29.08 -19.54 3.90
CA THR A 184 -28.96 -20.61 2.92
C THR A 184 -27.57 -21.25 3.01
N VAL A 185 -27.47 -22.49 2.56
CA VAL A 185 -26.23 -23.24 2.67
C VAL A 185 -25.74 -23.68 1.29
N LEU A 186 -24.59 -23.15 0.86
CA LEU A 186 -24.02 -23.54 -0.43
C LEU A 186 -23.37 -24.91 -0.35
N ASP A 187 -23.93 -25.87 -1.08
CA ASP A 187 -23.40 -27.22 -1.16
C ASP A 187 -22.74 -27.49 -2.50
N ASP A 188 -22.05 -28.61 -2.60
CA ASP A 188 -21.46 -29.03 -3.86
C ASP A 188 -22.55 -29.28 -4.88
N HIS A 189 -23.78 -29.47 -4.39
CA HIS A 189 -24.92 -29.75 -5.26
C HIS A 189 -25.81 -28.52 -5.45
N GLY A 190 -26.37 -28.01 -4.35
CA GLY A 190 -27.27 -26.86 -4.42
C GLY A 190 -26.90 -25.71 -3.51
N PRO A 191 -27.85 -24.78 -3.27
CA PRO A 191 -29.21 -24.84 -3.84
C PRO A 191 -29.26 -24.21 -5.22
N GLU A 192 -30.29 -24.52 -6.00
CA GLU A 192 -30.42 -23.93 -7.33
C GLU A 192 -30.65 -22.43 -7.21
N GLY A 193 -29.93 -21.66 -8.02
CA GLY A 193 -30.11 -20.22 -8.05
C GLY A 193 -29.19 -19.41 -7.16
N LEU A 194 -28.42 -20.06 -6.29
CA LEU A 194 -27.37 -19.36 -5.54
C LEU A 194 -26.06 -19.45 -6.33
N LYS A 195 -25.72 -18.37 -7.02
CA LYS A 195 -24.60 -18.38 -7.97
C LYS A 195 -23.44 -17.47 -7.57
N VAL A 196 -22.30 -18.08 -7.25
CA VAL A 196 -21.08 -17.31 -7.04
C VAL A 196 -20.72 -16.59 -8.33
N GLY A 197 -20.39 -15.30 -8.22
CA GLY A 197 -20.01 -14.52 -9.38
C GLY A 197 -18.50 -14.33 -9.48
N ARG A 198 -18.10 -13.30 -10.22
CA ARG A 198 -16.69 -13.06 -10.50
C ARG A 198 -15.94 -12.69 -9.22
N ARG A 199 -14.65 -13.02 -9.17
CA ARG A 199 -13.80 -12.62 -8.05
C ARG A 199 -13.35 -11.17 -8.18
N LEU A 200 -13.38 -10.47 -7.06
CA LEU A 200 -12.86 -9.12 -6.97
C LEU A 200 -11.48 -9.21 -6.35
N TYR A 201 -10.45 -9.24 -7.19
CA TYR A 201 -9.09 -9.30 -6.72
C TYR A 201 -8.75 -8.04 -5.94
N ALA A 202 -8.08 -8.21 -4.80
CA ALA A 202 -7.93 -7.10 -3.86
C ALA A 202 -6.49 -6.72 -3.58
N MET A 203 -6.35 -5.49 -3.07
CA MET A 203 -5.06 -4.97 -2.69
C MET A 203 -4.36 -5.89 -1.68
N GLY A 204 -5.11 -6.32 -0.67
CA GLY A 204 -4.56 -7.19 0.37
C GLY A 204 -5.56 -8.17 0.94
N VAL A 205 -5.18 -8.80 2.06
CA VAL A 205 -5.88 -9.95 2.64
C VAL A 205 -6.36 -10.89 1.51
N ARG A 206 -5.42 -11.26 0.66
CA ARG A 206 -5.76 -11.90 -0.61
C ARG A 206 -6.11 -13.37 -0.48
N GLY A 207 -5.83 -13.96 0.67
CA GLY A 207 -6.13 -15.36 0.88
C GLY A 207 -7.60 -15.73 1.02
N ILE A 208 -8.47 -14.73 1.11
CA ILE A 208 -9.91 -15.00 1.14
C ILE A 208 -10.56 -14.43 -0.12
N PRO A 209 -11.26 -15.28 -0.87
CA PRO A 209 -11.93 -14.81 -2.08
C PRO A 209 -13.01 -13.80 -1.71
N GLU A 210 -13.02 -12.67 -2.39
CA GLU A 210 -14.11 -11.71 -2.32
C GLU A 210 -14.81 -11.75 -3.68
N THR A 211 -16.12 -12.05 -3.69
CA THR A 211 -16.79 -12.26 -4.97
C THR A 211 -18.13 -11.52 -5.11
N HIS A 212 -18.57 -11.35 -6.35
CA HIS A 212 -19.98 -11.06 -6.58
C HIS A 212 -20.78 -12.32 -6.19
N LEU A 213 -22.07 -12.13 -5.95
CA LEU A 213 -22.94 -13.23 -5.60
C LEU A 213 -24.33 -12.91 -6.14
N GLU A 214 -24.95 -13.87 -6.83
CA GLU A 214 -26.25 -13.62 -7.45
C GLU A 214 -27.29 -14.63 -7.01
N PHE A 215 -28.54 -14.19 -7.00
CA PHE A 215 -29.66 -15.07 -6.67
C PHE A 215 -30.63 -15.07 -7.84
N HIS A 216 -30.81 -16.24 -8.45
CA HIS A 216 -31.77 -16.39 -9.55
C HIS A 216 -32.86 -17.32 -9.10
N ASP A 217 -33.99 -16.73 -8.71
CA ASP A 217 -35.14 -17.43 -8.16
C ASP A 217 -34.71 -18.41 -7.07
N LEU A 218 -33.80 -17.94 -6.21
CA LEU A 218 -33.32 -18.76 -5.11
C LEU A 218 -34.46 -18.98 -4.13
N LYS A 219 -34.82 -20.24 -3.93
CA LYS A 219 -35.97 -20.59 -3.10
C LYS A 219 -35.57 -20.88 -1.66
N ILE A 220 -36.06 -20.06 -0.74
CA ILE A 220 -35.78 -20.23 0.69
C ILE A 220 -37.07 -20.45 1.48
N HIS A 221 -37.11 -21.54 2.26
CA HIS A 221 -38.28 -21.81 3.08
C HIS A 221 -38.36 -20.79 4.21
N LYS A 222 -39.58 -20.44 4.61
CA LYS A 222 -39.79 -19.39 5.61
C LYS A 222 -39.13 -19.74 6.93
N SER A 223 -38.87 -21.02 7.16
CA SER A 223 -38.19 -21.47 8.37
C SER A 223 -36.73 -21.02 8.41
N MET A 224 -36.21 -20.58 7.27
CA MET A 224 -34.82 -20.12 7.20
C MET A 224 -34.74 -18.59 7.02
N MET A 225 -35.89 -17.93 7.17
CA MET A 225 -35.89 -16.49 7.34
C MET A 225 -35.80 -16.17 8.83
N ILE A 226 -34.98 -15.19 9.19
CA ILE A 226 -34.94 -14.77 10.57
C ILE A 226 -36.19 -13.94 10.85
N THR A 227 -37.03 -14.41 11.77
CA THR A 227 -38.33 -13.79 11.98
C THR A 227 -38.37 -13.01 13.29
N PHE A 228 -39.08 -11.89 13.27
CA PHE A 228 -39.24 -11.03 14.43
C PHE A 228 -40.71 -10.81 14.75
N PRO A 229 -41.07 -10.87 16.04
CA PRO A 229 -42.46 -10.67 16.45
C PRO A 229 -42.94 -9.24 16.20
N ASP A 230 -42.07 -8.27 16.44
CA ASP A 230 -42.45 -6.86 16.33
C ASP A 230 -42.23 -6.27 14.94
N GLY A 231 -41.83 -7.11 13.98
CA GLY A 231 -41.71 -6.67 12.60
C GLY A 231 -40.29 -6.61 12.06
N LEU A 232 -40.18 -6.60 10.72
CA LEU A 232 -38.89 -6.60 10.04
C LEU A 232 -38.12 -5.29 10.18
N LYS A 233 -38.84 -4.18 10.17
CA LYS A 233 -38.23 -2.87 10.18
C LYS A 233 -37.44 -2.68 11.47
N ARG A 234 -37.98 -3.20 12.56
CA ARG A 234 -37.30 -3.14 13.85
C ARG A 234 -36.28 -4.28 13.97
N GLY A 235 -36.53 -5.37 13.25
CA GLY A 235 -35.61 -6.50 13.24
C GLY A 235 -34.33 -6.20 12.48
N PHE A 236 -34.44 -5.45 11.39
CA PHE A 236 -33.28 -5.13 10.58
C PHE A 236 -32.27 -4.29 11.37
N ALA A 237 -32.78 -3.38 12.19
CA ALA A 237 -31.90 -2.61 13.07
C ALA A 237 -31.27 -3.51 14.13
N ALA A 238 -32.07 -4.47 14.62
CA ALA A 238 -31.59 -5.43 15.61
C ALA A 238 -30.48 -6.30 15.02
N LEU A 239 -30.66 -6.72 13.77
CA LEU A 239 -29.66 -7.52 13.07
C LEU A 239 -28.37 -6.73 12.87
N MET A 240 -28.51 -5.44 12.54
CA MET A 240 -27.35 -4.57 12.35
C MET A 240 -26.48 -4.50 13.61
N SER A 241 -27.10 -4.60 14.78
CA SER A 241 -26.35 -4.56 16.03
C SER A 241 -25.30 -5.65 16.14
N ALA A 242 -25.50 -6.77 15.45
CA ALA A 242 -24.47 -7.80 15.36
C ALA A 242 -23.15 -7.26 14.80
N TYR A 243 -23.21 -6.30 13.86
CA TYR A 243 -22.00 -5.77 13.25
C TYR A 243 -21.14 -5.02 14.27
N ASN A 244 -21.72 -4.64 15.40
CA ASN A 244 -20.94 -3.93 16.41
C ASN A 244 -19.84 -4.83 16.93
N ALA A 245 -20.15 -6.12 17.04
CA ALA A 245 -19.17 -7.09 17.49
C ALA A 245 -18.19 -7.35 16.36
N GLN A 246 -18.69 -7.49 15.14
CA GLN A 246 -17.77 -7.76 14.04
CA GLN A 246 -17.83 -7.70 13.97
C GLN A 246 -16.81 -6.58 13.88
N ARG A 247 -17.26 -5.37 14.17
CA ARG A 247 -16.39 -4.22 14.01
C ARG A 247 -15.18 -4.27 14.93
N VAL A 248 -15.40 -4.70 16.16
N VAL A 248 -15.38 -4.72 16.17
CA VAL A 248 -14.31 -4.78 17.12
CA VAL A 248 -14.26 -4.77 17.11
C VAL A 248 -13.34 -5.89 16.69
C VAL A 248 -13.33 -5.93 16.76
N GLY A 249 -13.88 -6.99 16.19
CA GLY A 249 -13.05 -8.07 15.69
C GLY A 249 -12.21 -7.61 14.51
N ALA A 250 -12.84 -6.89 13.58
CA ALA A 250 -12.11 -6.37 12.41
C ALA A 250 -11.02 -5.40 12.86
N GLY A 251 -11.32 -4.62 13.89
CA GLY A 251 -10.32 -3.74 14.47
C GLY A 251 -9.16 -4.52 15.03
N ALA A 252 -9.44 -5.67 15.61
CA ALA A 252 -8.38 -6.50 16.18
C ALA A 252 -7.50 -7.12 15.10
N VAL A 253 -8.05 -7.33 13.91
CA VAL A 253 -7.23 -7.81 12.80
C VAL A 253 -6.23 -6.73 12.38
N ALA A 254 -6.73 -5.51 12.18
CA ALA A 254 -5.87 -4.38 11.85
C ALA A 254 -4.79 -4.21 12.90
N LEU A 255 -5.18 -4.32 14.16
CA LEU A 255 -4.22 -4.21 15.26
C LEU A 255 -3.15 -5.31 15.20
N GLY A 256 -3.59 -6.54 14.96
CA GLY A 256 -2.69 -7.66 14.81
C GLY A 256 -1.68 -7.49 13.68
N ILE A 257 -2.16 -7.09 12.51
CA ILE A 257 -1.27 -6.79 11.38
C ILE A 257 -0.20 -5.75 11.78
N ALA A 258 -0.64 -4.67 12.41
CA ALA A 258 0.24 -3.59 12.83
C ALA A 258 1.23 -4.05 13.90
N GLN A 259 0.74 -4.85 14.86
CA GLN A 259 1.61 -5.38 15.90
C GLN A 259 2.70 -6.26 15.28
N CYS A 260 2.32 -7.06 14.30
CA CYS A 260 3.28 -7.90 13.59
C CYS A 260 4.35 -7.03 12.89
N ALA A 261 3.89 -6.03 12.14
CA ALA A 261 4.83 -5.15 11.43
C ALA A 261 5.78 -4.42 12.38
N PHE A 262 5.22 -3.94 13.49
CA PHE A 262 5.98 -3.28 14.54
C PHE A 262 7.06 -4.20 15.12
N GLU A 263 6.71 -5.44 15.43
CA GLU A 263 7.70 -6.34 16.02
C GLU A 263 8.83 -6.65 15.04
N GLU A 264 8.47 -6.82 13.78
CA GLU A 264 9.47 -7.08 12.75
C GLU A 264 10.37 -5.88 12.52
N GLY A 265 9.78 -4.68 12.56
CA GLY A 265 10.55 -3.46 12.36
C GLY A 265 11.52 -3.23 13.51
N VAL A 266 11.08 -3.51 14.73
CA VAL A 266 11.91 -3.33 15.91
C VAL A 266 13.09 -4.33 15.89
N ALA A 267 12.80 -5.59 15.54
CA ALA A 267 13.86 -6.57 15.39
C ALA A 267 14.86 -6.13 14.31
N TYR A 268 14.36 -5.53 13.24
CA TYR A 268 15.26 -5.17 12.14
C TYR A 268 16.18 -4.01 12.53
N LEU A 269 15.63 -3.03 13.25
CA LEU A 269 16.44 -1.91 13.77
C LEU A 269 17.59 -2.41 14.63
N LYS A 270 17.38 -3.50 15.35
CA LYS A 270 18.45 -4.00 16.20
C LYS A 270 19.50 -4.82 15.43
N ARG A 271 19.10 -5.39 14.31
CA ARG A 271 20.01 -6.27 13.56
C ARG A 271 20.75 -5.53 12.44
N ARG A 272 20.03 -4.65 11.75
CA ARG A 272 20.57 -3.89 10.62
C ARG A 272 21.53 -2.80 11.08
N GLU A 273 22.70 -2.73 10.45
CA GLU A 273 23.68 -1.70 10.80
C GLU A 273 23.98 -0.79 9.62
N GLN A 274 24.12 0.50 9.92
CA GLN A 274 24.64 1.50 8.98
C GLN A 274 25.49 2.46 9.81
N PHE A 275 26.52 3.05 9.20
CA PHE A 275 27.43 3.96 9.91
C PHE A 275 28.10 3.27 11.10
N GLY A 276 28.33 1.97 10.97
CA GLY A 276 29.05 1.21 11.98
C GLY A 276 28.24 0.78 13.19
N ARG A 277 26.91 0.88 13.12
CA ARG A 277 26.11 0.62 14.30
C ARG A 277 24.66 0.24 13.98
N PRO A 278 23.99 -0.48 14.91
CA PRO A 278 22.58 -0.81 14.70
C PRO A 278 21.74 0.44 14.50
N LEU A 279 20.77 0.35 13.60
CA LEU A 279 19.84 1.46 13.36
C LEU A 279 19.13 1.88 14.64
N ALA A 280 18.99 0.94 15.57
CA ALA A 280 18.31 1.19 16.84
C ALA A 280 18.96 2.30 17.65
N GLU A 281 20.22 2.61 17.34
CA GLU A 281 20.92 3.67 18.07
C GLU A 281 20.60 5.09 17.57
N PHE A 282 19.80 5.20 16.52
CA PHE A 282 19.49 6.53 16.00
C PHE A 282 18.21 7.08 16.62
N GLN A 283 18.31 8.25 17.25
CA GLN A 283 17.19 8.79 18.04
C GLN A 283 15.94 9.07 17.21
N GLY A 284 16.12 9.48 15.96
CA GLY A 284 14.96 9.73 15.12
C GLY A 284 14.11 8.48 14.95
N LEU A 285 14.75 7.34 14.78
CA LEU A 285 14.06 6.08 14.63
C LEU A 285 13.49 5.63 15.98
N GLN A 286 14.25 5.87 17.04
CA GLN A 286 13.81 5.54 18.39
C GLN A 286 12.47 6.21 18.69
N TRP A 287 12.37 7.48 18.35
CA TRP A 287 11.11 8.19 18.59
C TRP A 287 9.99 7.68 17.68
N MET A 288 10.33 7.24 16.47
CA MET A 288 9.30 6.61 15.62
C MET A 288 8.81 5.32 16.29
N VAL A 289 9.73 4.53 16.85
CA VAL A 289 9.33 3.32 17.56
C VAL A 289 8.42 3.65 18.74
N ALA A 290 8.81 4.68 19.50
CA ALA A 290 8.02 5.10 20.66
C ALA A 290 6.61 5.46 20.25
N ASP A 291 6.46 6.22 19.16
CA ASP A 291 5.16 6.65 18.67
C ASP A 291 4.30 5.46 18.27
N MET A 292 4.90 4.51 17.56
CA MET A 292 4.15 3.31 17.19
C MET A 292 3.67 2.57 18.44
N SER A 293 4.53 2.45 19.45
CA SER A 293 4.18 1.72 20.66
CA SER A 293 4.15 1.69 20.63
C SER A 293 3.01 2.38 21.39
N VAL A 294 3.02 3.71 21.42
CA VAL A 294 1.98 4.46 22.13
C VAL A 294 0.63 4.27 21.44
N GLN A 295 0.61 4.36 20.11
CA GLN A 295 -0.63 4.26 19.35
C GLN A 295 -1.14 2.82 19.38
N LEU A 296 -0.23 1.85 19.36
CA LEU A 296 -0.65 0.44 19.42
C LEU A 296 -1.30 0.12 20.76
N GLU A 297 -0.69 0.57 21.85
CA GLU A 297 -1.25 0.33 23.18
C GLU A 297 -2.65 0.96 23.32
N ALA A 298 -2.78 2.21 22.85
CA ALA A 298 -4.07 2.89 22.91
C ALA A 298 -5.12 2.12 22.12
N ALA A 299 -4.74 1.63 20.94
CA ALA A 299 -5.63 0.89 20.07
C ALA A 299 -6.11 -0.41 20.73
N ARG A 300 -5.19 -1.11 21.39
CA ARG A 300 -5.54 -2.34 22.07
C ARG A 300 -6.53 -2.05 23.21
N LEU A 301 -6.27 -1.00 23.98
CA LEU A 301 -7.18 -0.61 25.06
C LEU A 301 -8.57 -0.22 24.53
N MET A 302 -8.62 0.53 23.43
CA MET A 302 -9.90 0.94 22.84
C MET A 302 -10.74 -0.27 22.41
N LEU A 303 -10.08 -1.23 21.78
CA LEU A 303 -10.78 -2.43 21.29
C LEU A 303 -11.24 -3.32 22.44
N ARG A 304 -10.36 -3.56 23.40
CA ARG A 304 -10.72 -4.43 24.53
C ARG A 304 -11.82 -3.77 25.36
N SER A 305 -11.73 -2.45 25.54
CA SER A 305 -12.78 -1.71 26.25
C SER A 305 -14.11 -1.79 25.52
N ALA A 306 -14.08 -1.59 24.21
CA ALA A 306 -15.30 -1.70 23.40
C ALA A 306 -15.89 -3.12 23.49
N ALA A 307 -15.00 -4.11 23.56
CA ALA A 307 -15.42 -5.51 23.59
C ALA A 307 -16.31 -5.84 24.78
N VAL A 308 -16.05 -5.21 25.93
CA VAL A 308 -16.84 -5.53 27.13
C VAL A 308 -17.99 -4.56 27.36
N SER A 309 -18.13 -3.56 26.50
CA SER A 309 -19.26 -2.64 26.60
C SER A 309 -20.53 -3.30 26.09
N GLY A 310 -21.67 -2.62 26.25
CA GLY A 310 -22.94 -3.06 25.68
C GLY A 310 -23.58 -4.27 26.37
N GLU A 311 -24.57 -4.84 25.70
CA GLU A 311 -25.27 -6.02 26.22
C GLU A 311 -24.77 -7.32 25.59
N THR A 312 -25.49 -7.82 24.59
CA THR A 312 -25.00 -8.97 23.85
C THR A 312 -23.85 -8.53 22.95
N PHE A 313 -24.01 -7.36 22.34
CA PHE A 313 -22.96 -6.83 21.46
C PHE A 313 -22.37 -5.55 22.03
N PRO A 314 -21.12 -5.24 21.61
CA PRO A 314 -20.50 -3.98 22.01
C PRO A 314 -21.40 -2.78 21.75
N ASP A 315 -21.30 -1.79 22.62
CA ASP A 315 -21.95 -0.51 22.39
C ASP A 315 -21.53 0.03 21.04
N ILE A 316 -22.50 0.49 20.26
CA ILE A 316 -22.26 0.90 18.88
C ILE A 316 -21.25 2.05 18.75
N ASN A 317 -21.27 2.99 19.70
CA ASN A 317 -20.37 4.13 19.65
C ASN A 317 -18.98 3.81 20.16
N LYS A 318 -18.88 3.00 21.20
CA LYS A 318 -17.57 2.54 21.66
C LYS A 318 -16.88 1.70 20.59
N ALA A 319 -17.63 0.82 19.93
CA ALA A 319 -17.08 0.00 18.86
C ALA A 319 -16.65 0.88 17.69
N ALA A 320 -17.47 1.85 17.32
CA ALA A 320 -17.13 2.78 16.24
C ALA A 320 -15.86 3.59 16.55
N GLN A 321 -15.78 4.12 17.77
CA GLN A 321 -14.56 4.82 18.20
C GLN A 321 -13.33 3.92 18.11
N ALA A 322 -13.43 2.69 18.60
CA ALA A 322 -12.28 1.79 18.64
C ALA A 322 -11.84 1.38 17.24
N LYS A 323 -12.80 1.22 16.33
CA LYS A 323 -12.52 0.78 14.97
C LYS A 323 -11.86 1.88 14.15
N ILE A 324 -12.36 3.11 14.30
CA ILE A 324 -11.72 4.26 13.70
C ILE A 324 -10.28 4.30 14.14
N PHE A 325 -10.06 4.15 15.44
CA PHE A 325 -8.74 4.32 16.01
C PHE A 325 -7.80 3.19 15.58
N ALA A 326 -8.22 1.94 15.75
CA ALA A 326 -7.39 0.79 15.38
C ALA A 326 -7.03 0.79 13.92
N ALA A 327 -8.00 1.08 13.06
CA ALA A 327 -7.76 1.04 11.61
C ALA A 327 -6.81 2.14 11.15
N GLU A 328 -6.98 3.34 11.71
CA GLU A 328 -6.06 4.41 11.31
C GLU A 328 -4.68 4.15 11.91
N THR A 329 -4.65 3.64 13.14
CA THR A 329 -3.38 3.27 13.75
C THR A 329 -2.64 2.28 12.86
N ALA A 330 -3.36 1.30 12.33
CA ALA A 330 -2.69 0.21 11.59
C ALA A 330 -2.13 0.72 10.28
N ASN A 331 -2.80 1.69 9.65
CA ASN A 331 -2.28 2.25 8.40
C ASN A 331 -0.97 3.00 8.64
N LYS A 332 -0.90 3.76 9.75
CA LYS A 332 0.32 4.50 10.06
C LYS A 332 1.45 3.56 10.52
N VAL A 333 1.15 2.64 11.43
CA VAL A 333 2.19 1.76 11.96
C VAL A 333 2.79 0.83 10.88
N THR A 334 1.96 0.25 10.02
CA THR A 334 2.52 -0.65 8.99
C THR A 334 3.39 0.11 7.99
N ASN A 335 3.02 1.35 7.64
CA ASN A 335 3.85 2.13 6.73
C ASN A 335 5.18 2.54 7.37
N ASP A 336 5.15 2.97 8.63
CA ASP A 336 6.38 3.36 9.31
C ASP A 336 7.28 2.15 9.60
N ALA A 337 6.69 0.99 9.88
CA ALA A 337 7.51 -0.19 10.10
C ALA A 337 8.19 -0.60 8.79
N LEU A 338 7.45 -0.50 7.68
CA LEU A 338 8.04 -0.75 6.37
C LEU A 338 9.25 0.16 6.17
N GLN A 339 9.10 1.42 6.56
CA GLN A 339 10.16 2.40 6.41
C GLN A 339 11.47 1.98 7.10
N PHE A 340 11.37 1.29 8.23
CA PHE A 340 12.56 0.83 8.95
C PHE A 340 13.42 -0.10 8.08
N PHE A 341 12.80 -0.80 7.15
CA PHE A 341 13.52 -1.75 6.28
C PHE A 341 14.19 -1.12 5.07
N GLY A 342 13.92 0.17 4.82
CA GLY A 342 14.49 0.85 3.67
C GLY A 342 14.03 0.20 2.37
N SER A 343 14.94 0.10 1.39
CA SER A 343 14.55 -0.45 0.11
CA SER A 343 14.61 -0.50 0.09
C SER A 343 14.01 -1.90 0.24
N SER A 344 14.59 -2.69 1.15
CA SER A 344 14.08 -4.05 1.40
C SER A 344 12.61 -4.05 1.79
N GLY A 345 12.14 -2.98 2.42
CA GLY A 345 10.74 -2.90 2.79
C GLY A 345 9.82 -2.82 1.59
N TYR A 346 10.32 -2.28 0.48
CA TYR A 346 9.55 -2.15 -0.73
C TYR A 346 9.53 -3.45 -1.52
N GLY A 347 10.38 -4.40 -1.13
CA GLY A 347 10.46 -5.67 -1.86
C GLY A 347 9.43 -6.68 -1.44
N ARG A 348 8.86 -7.38 -2.41
CA ARG A 348 7.83 -8.38 -2.10
C ARG A 348 8.40 -9.66 -1.48
N HIS A 349 9.72 -9.79 -1.47
CA HIS A 349 10.39 -10.92 -0.81
C HIS A 349 10.47 -10.75 0.71
N ASN A 350 10.04 -9.57 1.19
CA ASN A 350 9.85 -9.30 2.61
C ASN A 350 8.37 -9.00 2.86
N PRO A 351 7.88 -9.20 4.09
CA PRO A 351 6.43 -9.14 4.32
C PRO A 351 5.91 -7.74 4.64
N MET A 352 6.76 -6.72 4.62
CA MET A 352 6.34 -5.39 5.08
C MET A 352 5.36 -4.72 4.12
N GLU A 353 5.57 -4.89 2.82
CA GLU A 353 4.63 -4.26 1.88
C GLU A 353 3.27 -4.98 1.92
N ARG A 354 3.28 -6.28 2.23
CA ARG A 354 2.01 -7.01 2.42
C ARG A 354 1.25 -6.46 3.64
N HIS A 355 1.95 -6.13 4.72
CA HIS A 355 1.24 -5.61 5.90
C HIS A 355 0.50 -4.33 5.56
N VAL A 356 1.15 -3.46 4.78
CA VAL A 356 0.50 -2.20 4.40
C VAL A 356 -0.74 -2.49 3.56
N ARG A 357 -0.62 -3.39 2.58
CA ARG A 357 -1.74 -3.76 1.72
C ARG A 357 -2.88 -4.38 2.52
N ASP A 358 -2.52 -5.27 3.45
CA ASP A 358 -3.51 -5.95 4.30
C ASP A 358 -4.24 -4.96 5.20
N ALA A 359 -3.49 -4.05 5.83
CA ALA A 359 -4.09 -3.13 6.80
C ALA A 359 -5.08 -2.16 6.14
N ARG A 360 -4.86 -1.83 4.87
CA ARG A 360 -5.57 -0.73 4.24
C ARG A 360 -7.11 -0.90 4.16
N MET A 361 -7.60 -2.14 4.17
CA MET A 361 -9.04 -2.35 4.00
C MET A 361 -9.85 -1.97 5.21
N PHE A 362 -9.21 -1.80 6.36
CA PHE A 362 -9.98 -1.75 7.59
C PHE A 362 -10.57 -0.38 7.90
N THR A 363 -10.19 0.65 7.16
CA THR A 363 -10.91 1.93 7.26
C THR A 363 -12.10 1.96 6.29
N ILE A 364 -12.28 0.84 5.59
CA ILE A 364 -13.31 0.77 4.56
C ILE A 364 -14.40 -0.27 4.83
N ALA A 365 -14.01 -1.54 4.95
CA ALA A 365 -14.99 -2.63 5.02
C ALA A 365 -15.78 -2.64 6.31
N GLY A 366 -17.08 -2.94 6.20
CA GLY A 366 -17.97 -3.08 7.35
C GLY A 366 -18.50 -1.77 7.93
N GLY A 367 -18.36 -0.68 7.17
CA GLY A 367 -18.66 0.67 7.65
C GLY A 367 -17.37 1.49 7.63
N THR A 368 -17.30 2.47 6.72
CA THR A 368 -16.05 3.23 6.53
C THR A 368 -15.77 4.11 7.73
N ALA A 369 -14.52 4.54 7.84
CA ALA A 369 -14.11 5.43 8.91
C ALA A 369 -14.95 6.71 8.91
N GLN A 370 -15.39 7.14 7.74
CA GLN A 370 -16.21 8.35 7.64
C GLN A 370 -17.60 8.13 8.25
N ILE A 371 -18.23 7.02 7.88
CA ILE A 371 -19.53 6.66 8.42
C ILE A 371 -19.45 6.50 9.93
N LEU A 372 -18.33 5.95 10.41
CA LEU A 372 -18.16 5.75 11.84
C LEU A 372 -18.01 7.11 12.53
N ARG A 373 -17.32 8.06 11.89
CA ARG A 373 -17.20 9.40 12.47
C ARG A 373 -18.56 10.08 12.64
N THR A 374 -19.42 9.94 11.64
CA THR A 374 -20.77 10.48 11.72
C THR A 374 -21.55 9.80 12.86
N GLN A 375 -21.43 8.48 12.99
CA GLN A 375 -22.05 7.75 14.10
C GLN A 375 -21.61 8.30 15.46
N VAL A 376 -20.30 8.38 15.68
CA VAL A 376 -19.76 8.89 16.94
C VAL A 376 -20.26 10.31 17.21
N ALA A 377 -20.26 11.15 16.19
CA ALA A 377 -20.74 12.53 16.33
C ALA A 377 -22.22 12.58 16.73
N SER A 378 -23.02 11.68 16.15
CA SER A 378 -24.46 11.66 16.45
C SER A 378 -24.68 11.39 17.94
N LYS A 379 -23.79 10.59 18.54
CA LYS A 379 -23.90 10.30 19.97
C LYS A 379 -23.44 11.49 20.84
N ILE A 380 -22.28 12.06 20.52
CA ILE A 380 -21.74 13.20 21.27
C ILE A 380 -22.68 14.41 21.22
N LEU A 381 -23.22 14.68 20.04
CA LEU A 381 -24.13 15.81 19.81
C LEU A 381 -25.58 15.49 20.16
N ASP A 382 -25.84 14.24 20.53
CA ASP A 382 -27.20 13.77 20.84
C ASP A 382 -28.18 14.18 19.75
N MET A 383 -27.80 13.90 18.51
CA MET A 383 -28.56 14.35 17.35
C MET A 383 -28.66 13.23 16.34
N LYS A 384 -29.80 13.10 15.68
CA LYS A 384 -29.84 12.32 14.47
C LYS A 384 -29.08 13.15 13.45
N LEU A 385 -28.32 12.50 12.58
CA LEU A 385 -27.55 13.22 11.59
C LEU A 385 -27.90 12.68 10.21
N PRO A 386 -29.07 13.08 9.70
CA PRO A 386 -29.56 12.57 8.42
C PRO A 386 -28.64 13.03 7.29
N GLN A 387 -28.42 12.20 6.30
CA GLN A 387 -27.44 12.51 5.25
C GLN A 387 -28.11 12.88 3.93
N THR A 388 -29.44 12.77 3.89
CA THR A 388 -30.19 13.12 2.69
C THR A 388 -30.34 14.63 2.55
N ARG A 389 -30.59 15.08 1.33
CA ARG A 389 -30.72 16.52 1.04
C ARG A 389 -31.83 17.20 1.84
N ASP A 390 -32.85 16.43 2.23
CA ASP A 390 -34.01 17.00 2.90
C ASP A 390 -34.05 16.63 4.38
N GLY A 391 -32.92 16.18 4.90
CA GLY A 391 -32.85 15.74 6.29
C GLY A 391 -33.27 16.77 7.33
N TYR A 392 -33.12 18.05 7.02
CA TYR A 392 -33.39 19.11 8.00
C TYR A 392 -34.54 20.05 7.61
N GLU B 3 4.83 31.32 -12.02
CA GLU B 3 4.03 30.63 -13.03
C GLU B 3 4.88 30.27 -14.26
N LEU B 4 4.32 29.41 -15.12
CA LEU B 4 5.03 28.92 -16.30
C LEU B 4 5.09 29.91 -17.46
N THR B 5 6.17 29.84 -18.23
CA THR B 5 6.29 30.60 -19.48
C THR B 5 5.43 29.98 -20.58
N PRO B 6 5.10 30.77 -21.62
CA PRO B 6 4.35 30.25 -22.78
C PRO B 6 4.97 28.99 -23.39
N GLU B 7 6.28 29.01 -23.55
CA GLU B 7 7.01 27.87 -24.09
C GLU B 7 6.93 26.65 -23.16
N GLN B 8 6.93 26.90 -21.85
CA GLN B 8 6.82 25.80 -20.89
C GLN B 8 5.42 25.19 -20.89
N ARG B 9 4.40 26.03 -21.11
CA ARG B 9 3.03 25.55 -21.20
C ARG B 9 2.86 24.64 -22.41
N THR B 10 3.47 25.01 -23.52
CA THR B 10 3.43 24.20 -24.71
C THR B 10 4.12 22.85 -24.46
N LEU B 11 5.30 22.91 -23.85
CA LEU B 11 6.04 21.69 -23.49
C LEU B 11 5.19 20.80 -22.58
N GLN B 12 4.59 21.41 -21.56
CA GLN B 12 3.67 20.68 -20.67
C GLN B 12 2.52 20.06 -21.44
N THR B 13 1.96 20.80 -22.38
CA THR B 13 0.81 20.28 -23.09
C THR B 13 1.21 19.17 -24.05
N GLN B 14 2.36 19.29 -24.68
CA GLN B 14 2.86 18.20 -25.53
C GLN B 14 3.16 16.93 -24.73
N ALA B 15 3.71 17.10 -23.54
CA ALA B 15 3.94 15.96 -22.65
C ALA B 15 2.62 15.33 -22.25
N ARG B 16 1.65 16.16 -21.86
CA ARG B 16 0.33 15.66 -21.46
C ARG B 16 -0.29 14.87 -22.61
N GLU B 17 -0.12 15.39 -23.82
CA GLU B 17 -0.73 14.79 -24.99
C GLU B 17 -0.24 13.35 -25.18
N LEU B 18 1.07 13.17 -25.12
CA LEU B 18 1.67 11.85 -25.26
C LEU B 18 1.24 10.95 -24.11
N ALA B 19 1.32 11.49 -22.90
CA ALA B 19 0.98 10.74 -21.69
C ALA B 19 -0.46 10.24 -21.72
N GLN B 20 -1.38 11.10 -22.10
CA GLN B 20 -2.80 10.74 -22.03
C GLN B 20 -3.25 9.92 -23.24
N SER B 21 -2.72 10.24 -24.42
CA SER B 21 -3.17 9.56 -25.63
C SER B 21 -2.52 8.20 -25.79
N VAL B 22 -1.28 8.05 -25.31
CA VAL B 22 -0.56 6.79 -25.49
C VAL B 22 -0.29 6.04 -24.17
N PHE B 23 0.25 6.72 -23.16
CA PHE B 23 0.73 5.98 -21.98
C PHE B 23 -0.37 5.57 -21.01
N ALA B 24 -1.40 6.41 -20.87
CA ALA B 24 -2.40 6.18 -19.83
C ALA B 24 -3.08 4.82 -19.97
N SER B 25 -3.37 4.41 -21.20
CA SER B 25 -4.06 3.14 -21.44
C SER B 25 -3.18 1.91 -21.24
N THR B 26 -1.90 2.12 -20.99
CA THR B 26 -0.96 1.02 -20.78
C THR B 26 -0.55 0.81 -19.32
N ALA B 27 -0.92 1.74 -18.43
CA ALA B 27 -0.41 1.72 -17.07
C ALA B 27 -0.84 0.47 -16.30
N VAL B 28 -2.11 0.08 -16.43
CA VAL B 28 -2.60 -1.11 -15.73
C VAL B 28 -1.86 -2.37 -16.15
N GLN B 29 -1.65 -2.50 -17.45
CA GLN B 29 -1.03 -3.70 -17.97
C GLN B 29 0.46 -3.72 -17.60
N THR B 30 1.09 -2.55 -17.58
CA THR B 30 2.50 -2.47 -17.21
C THR B 30 2.70 -2.93 -15.76
N ASP B 31 1.77 -2.55 -14.88
CA ASP B 31 1.78 -3.00 -13.49
C ASP B 31 1.52 -4.52 -13.38
N LEU B 32 0.62 -5.05 -14.21
CA LEU B 32 0.33 -6.49 -14.22
C LEU B 32 1.51 -7.35 -14.69
N THR B 33 2.12 -6.94 -15.81
CA THR B 33 3.17 -7.73 -16.44
C THR B 33 4.52 -7.54 -15.75
N GLU B 34 4.71 -6.37 -15.15
CA GLU B 34 5.99 -5.97 -14.57
C GLU B 34 7.09 -5.97 -15.62
N GLN B 35 6.69 -5.79 -16.87
CA GLN B 35 7.60 -5.76 -18.02
C GLN B 35 7.96 -4.34 -18.46
N TYR B 36 9.23 -4.13 -18.76
CA TYR B 36 9.70 -2.84 -19.29
C TYR B 36 8.95 -2.47 -20.58
N PRO B 37 8.32 -1.28 -20.61
CA PRO B 37 7.47 -0.95 -21.76
C PRO B 37 8.24 -0.38 -22.95
N TRP B 38 8.94 -1.26 -23.67
CA TRP B 38 9.79 -0.85 -24.77
C TRP B 38 9.11 0.05 -25.80
N ASP B 39 7.90 -0.30 -26.20
CA ASP B 39 7.20 0.47 -27.23
C ASP B 39 6.93 1.89 -26.72
N ASN B 40 6.50 2.00 -25.47
CA ASN B 40 6.34 3.31 -24.83
C ASN B 40 7.63 4.12 -24.79
N VAL B 41 8.74 3.44 -24.54
CA VAL B 41 10.02 4.14 -24.49
C VAL B 41 10.39 4.70 -25.86
N ALA B 42 10.15 3.92 -26.92
CA ALA B 42 10.42 4.40 -28.28
C ALA B 42 9.60 5.67 -28.56
N GLN B 43 8.36 5.71 -28.09
CA GLN B 43 7.52 6.89 -28.33
C GLN B 43 7.96 8.09 -27.46
N LEU B 44 8.40 7.83 -26.24
CA LEU B 44 8.98 8.88 -25.39
C LEU B 44 10.19 9.50 -26.08
N ARG B 45 11.04 8.63 -26.64
CA ARG B 45 12.21 9.05 -27.38
C ARG B 45 11.81 9.88 -28.60
N ASP B 46 10.92 9.33 -29.42
CA ASP B 46 10.59 9.97 -30.69
C ASP B 46 9.90 11.31 -30.48
N ALA B 47 9.25 11.50 -29.34
CA ALA B 47 8.58 12.76 -29.04
C ALA B 47 9.53 13.79 -28.43
N GLY B 48 10.78 13.40 -28.21
CA GLY B 48 11.80 14.34 -27.76
C GLY B 48 11.92 14.53 -26.25
N PHE B 49 11.45 13.56 -25.48
CA PHE B 49 11.42 13.70 -24.03
C PHE B 49 12.53 12.92 -23.29
N MET B 50 13.55 12.46 -24.01
CA MET B 50 14.69 11.80 -23.40
C MET B 50 15.95 12.61 -23.69
N GLY B 51 16.79 12.82 -22.68
CA GLY B 51 18.01 13.58 -22.87
C GLY B 51 17.77 15.05 -23.15
N MET B 52 16.71 15.58 -22.57
CA MET B 52 16.25 16.92 -22.87
C MET B 52 17.25 18.01 -22.46
N MET B 53 18.07 17.72 -21.46
CA MET B 53 19.02 18.73 -20.97
C MET B 53 20.37 18.60 -21.63
N LEU B 54 20.53 17.58 -22.46
CA LEU B 54 21.75 17.42 -23.25
C LEU B 54 21.92 18.66 -24.12
N PRO B 55 23.17 19.14 -24.25
CA PRO B 55 23.33 20.33 -25.10
C PRO B 55 22.96 20.04 -26.55
N THR B 56 22.59 21.10 -27.27
CA THR B 56 22.19 20.96 -28.67
C THR B 56 23.34 20.46 -29.54
N SER B 57 24.57 20.76 -29.15
CA SER B 57 25.77 20.34 -29.89
C SER B 57 25.91 18.81 -30.01
N VAL B 58 25.36 18.07 -29.06
CA VAL B 58 25.41 16.62 -29.15
C VAL B 58 24.04 16.08 -29.52
N GLY B 59 23.15 16.97 -29.93
CA GLY B 59 21.83 16.58 -30.40
C GLY B 59 20.73 16.64 -29.37
N GLY B 60 20.99 17.30 -28.24
CA GLY B 60 19.96 17.45 -27.23
C GLY B 60 19.11 18.69 -27.47
N ARG B 61 18.16 18.95 -26.57
CA ARG B 61 17.30 20.13 -26.70
C ARG B 61 17.78 21.29 -25.83
N GLY B 62 18.73 21.02 -24.94
CA GLY B 62 19.29 22.05 -24.09
C GLY B 62 18.31 22.64 -23.09
N LEU B 63 17.33 21.86 -22.66
CA LEU B 63 16.30 22.38 -21.76
C LEU B 63 16.77 22.41 -20.30
N SER B 64 15.93 23.01 -19.44
CA SER B 64 16.28 23.23 -18.04
C SER B 64 15.75 22.12 -17.13
N THR B 65 16.18 22.13 -15.87
CA THR B 65 15.66 21.21 -14.86
C THR B 65 14.16 21.38 -14.73
N LEU B 66 13.73 22.64 -14.64
CA LEU B 66 12.32 22.96 -14.53
C LEU B 66 11.54 22.38 -15.72
N ASP B 67 12.06 22.54 -16.94
CA ASP B 67 11.47 21.93 -18.12
C ASP B 67 11.25 20.44 -17.93
N THR B 68 12.24 19.76 -17.36
CA THR B 68 12.17 18.32 -17.23
C THR B 68 11.16 17.94 -16.16
N VAL B 69 11.11 18.68 -15.06
CA VAL B 69 10.17 18.31 -14.01
C VAL B 69 8.74 18.55 -14.45
N ILE B 70 8.54 19.54 -15.32
CA ILE B 70 7.22 19.76 -15.87
C ILE B 70 6.77 18.55 -16.71
N VAL B 71 7.69 18.05 -17.52
CA VAL B 71 7.43 16.89 -18.37
C VAL B 71 7.22 15.63 -17.53
N ILE B 72 8.08 15.43 -16.54
CA ILE B 72 8.01 14.25 -15.69
C ILE B 72 6.67 14.12 -14.98
N GLU B 73 6.15 15.22 -14.44
CA GLU B 73 4.87 15.14 -13.73
C GLU B 73 3.77 14.69 -14.68
N GLU B 74 3.79 15.18 -15.92
CA GLU B 74 2.78 14.75 -16.89
C GLU B 74 2.90 13.25 -17.19
N MET B 75 4.11 12.77 -17.41
CA MET B 75 4.30 11.34 -17.67
C MET B 75 3.81 10.49 -16.49
N ALA B 76 4.13 10.93 -15.28
CA ALA B 76 3.82 10.17 -14.07
C ALA B 76 2.33 10.14 -13.77
N LYS B 77 1.61 11.19 -14.16
CA LYS B 77 0.16 11.20 -14.05
C LYS B 77 -0.46 10.05 -14.86
N ALA B 78 0.17 9.67 -15.97
CA ALA B 78 -0.35 8.57 -16.79
C ALA B 78 0.14 7.21 -16.31
N CYS B 79 1.42 7.11 -15.99
CA CYS B 79 2.03 5.84 -15.61
C CYS B 79 3.28 6.11 -14.79
N ALA B 80 3.36 5.54 -13.59
CA ALA B 80 4.50 5.78 -12.70
C ALA B 80 5.77 5.29 -13.33
N THR B 81 5.68 4.16 -14.04
CA THR B 81 6.84 3.61 -14.74
C THR B 81 7.35 4.57 -15.80
N MET B 82 6.44 5.12 -16.62
CA MET B 82 6.87 6.10 -17.60
C MET B 82 7.43 7.36 -16.92
N GLY B 83 6.86 7.72 -15.77
CA GLY B 83 7.42 8.81 -14.98
C GLY B 83 8.88 8.58 -14.58
N ARG B 84 9.18 7.42 -13.98
CA ARG B 84 10.55 7.15 -13.57
C ARG B 84 11.49 7.02 -14.77
N ILE B 85 10.99 6.43 -15.86
CA ILE B 85 11.80 6.33 -17.07
C ILE B 85 12.19 7.74 -17.53
N THR B 86 11.25 8.67 -17.44
CA THR B 86 11.52 10.04 -17.85
C THR B 86 12.55 10.69 -16.90
N VAL B 87 12.47 10.39 -15.61
CA VAL B 87 13.50 10.90 -14.68
C VAL B 87 14.89 10.41 -15.07
N ASP B 88 15.07 9.09 -15.14
CA ASP B 88 16.40 8.50 -15.34
C ASP B 88 16.99 8.83 -16.70
N SER B 89 16.14 9.09 -17.68
CA SER B 89 16.65 9.41 -19.00
C SER B 89 16.88 10.91 -19.17
N ASN B 90 16.65 11.69 -18.11
CA ASN B 90 16.88 13.13 -18.18
C ASN B 90 17.76 13.71 -17.06
N LEU B 91 17.77 13.04 -15.91
CA LEU B 91 18.41 13.57 -14.70
C LEU B 91 19.24 12.51 -13.99
N GLY B 92 20.21 12.94 -13.20
CA GLY B 92 20.97 11.99 -12.39
C GLY B 92 22.27 11.59 -13.06
N ALA B 93 22.37 10.33 -13.47
CA ALA B 93 23.59 9.83 -14.10
C ALA B 93 23.92 10.63 -15.35
N ILE B 94 22.91 10.86 -16.19
CA ILE B 94 23.13 11.57 -17.43
C ILE B 94 23.55 13.02 -17.15
N GLY B 95 23.03 13.61 -16.08
CA GLY B 95 23.43 14.95 -15.70
C GLY B 95 24.86 14.99 -15.18
N ALA B 96 25.25 14.00 -14.41
CA ALA B 96 26.61 13.92 -13.89
C ALA B 96 27.60 13.87 -15.06
N ILE B 97 27.29 13.05 -16.04
CA ILE B 97 28.16 12.91 -17.20
C ILE B 97 28.16 14.21 -18.02
N THR B 98 26.98 14.76 -18.26
CA THR B 98 26.85 15.99 -19.06
C THR B 98 27.72 17.11 -18.50
N LYS B 99 27.73 17.27 -17.19
CA LYS B 99 28.47 18.33 -16.52
C LYS B 99 29.95 18.02 -16.28
N TYR B 100 30.27 16.79 -15.89
CA TYR B 100 31.65 16.49 -15.46
C TYR B 100 32.36 15.56 -16.41
N GLY B 101 31.68 15.15 -17.47
CA GLY B 101 32.26 14.20 -18.39
C GLY B 101 33.17 14.86 -19.40
N SER B 102 34.06 14.06 -19.96
CA SER B 102 34.87 14.46 -21.10
C SER B 102 34.00 14.50 -22.34
N GLU B 103 34.49 15.12 -23.40
CA GLU B 103 33.80 15.12 -24.67
C GLU B 103 33.43 13.71 -25.13
N GLU B 104 34.36 12.78 -24.99
CA GLU B 104 34.11 11.40 -25.40
C GLU B 104 33.00 10.71 -24.59
N GLN B 105 33.00 10.96 -23.27
CA GLN B 105 32.01 10.34 -22.39
C GLN B 105 30.60 10.88 -22.67
N ILE B 106 30.52 12.18 -22.93
CA ILE B 106 29.23 12.83 -23.20
C ILE B 106 28.61 12.32 -24.50
N LYS B 107 29.44 12.13 -25.52
CA LYS B 107 28.98 11.63 -26.80
C LYS B 107 28.46 10.20 -26.68
N LEU B 108 29.21 9.38 -25.95
CA LEU B 108 28.82 8.01 -25.72
C LEU B 108 27.45 7.96 -25.04
N ALA B 109 27.31 8.76 -23.99
CA ALA B 109 26.08 8.77 -23.20
C ALA B 109 24.93 9.40 -23.97
N ALA B 110 25.22 10.49 -24.68
CA ALA B 110 24.20 11.19 -25.45
C ALA B 110 23.65 10.32 -26.57
N ASP B 111 24.54 9.65 -27.31
CA ASP B 111 24.09 8.77 -28.37
C ASP B 111 23.16 7.66 -27.84
N LEU B 112 23.44 7.15 -26.64
CA LEU B 112 22.63 6.07 -26.12
C LEU B 112 21.25 6.57 -25.66
N VAL B 113 21.26 7.61 -24.84
CA VAL B 113 20.02 8.19 -24.34
C VAL B 113 19.10 8.67 -25.47
N LEU B 114 19.65 9.46 -26.41
CA LEU B 114 18.83 9.95 -27.52
C LEU B 114 18.34 8.82 -28.42
N ALA B 115 18.99 7.67 -28.35
CA ALA B 115 18.51 6.49 -29.06
C ALA B 115 17.49 5.69 -28.23
N GLY B 116 17.18 6.15 -27.03
CA GLY B 116 16.15 5.51 -26.24
C GLY B 116 16.63 4.73 -25.03
N ASP B 117 17.91 4.86 -24.68
CA ASP B 117 18.42 4.16 -23.50
C ASP B 117 18.10 4.92 -22.21
N LYS B 118 17.63 4.19 -21.22
CA LYS B 118 17.50 4.74 -19.87
C LYS B 118 18.69 4.32 -19.02
N PRO B 119 19.60 5.25 -18.73
CA PRO B 119 20.80 4.89 -17.97
C PRO B 119 20.49 4.36 -16.58
N ALA B 120 21.34 3.46 -16.10
CA ALA B 120 21.27 2.96 -14.73
C ALA B 120 22.37 3.59 -13.91
N ILE B 121 22.02 4.01 -12.70
CA ILE B 121 23.05 4.50 -11.80
C ILE B 121 23.21 3.46 -10.69
N CYS B 122 24.45 3.23 -10.30
CA CYS B 122 24.78 2.05 -9.52
C CYS B 122 25.59 2.45 -8.30
N ILE B 123 24.88 2.71 -7.20
CA ILE B 123 25.47 3.22 -5.98
C ILE B 123 25.21 2.31 -4.78
N SER B 124 23.94 2.04 -4.53
CA SER B 124 23.52 1.28 -3.34
C SER B 124 23.92 -0.19 -3.35
N GLU B 125 24.25 -0.69 -2.16
CA GLU B 125 24.62 -2.10 -1.95
C GLU B 125 23.84 -2.70 -0.81
N PRO B 126 23.69 -4.05 -0.81
CA PRO B 126 22.96 -4.72 0.28
C PRO B 126 23.38 -4.22 1.66
N ASN B 127 24.67 -3.97 1.89
CA ASN B 127 25.12 -3.49 3.21
C ASN B 127 25.58 -2.05 3.25
N ALA B 128 25.24 -1.27 2.24
CA ALA B 128 25.60 0.15 2.23
C ALA B 128 24.54 0.93 1.46
N GLY B 129 23.59 1.49 2.21
CA GLY B 129 22.51 2.26 1.62
C GLY B 129 22.64 3.70 2.04
N SER B 130 22.13 4.02 3.23
CA SER B 130 22.19 5.40 3.70
C SER B 130 23.64 5.79 3.92
N ALA B 131 24.45 4.83 4.39
CA ALA B 131 25.87 5.09 4.57
C ALA B 131 26.60 4.77 3.27
N ALA B 132 26.29 5.52 2.21
CA ALA B 132 26.82 5.20 0.88
C ALA B 132 28.34 5.17 0.90
N SER B 133 28.94 5.92 1.83
CA SER B 133 30.39 6.02 1.89
C SER B 133 31.05 4.76 2.44
N GLU B 134 30.25 3.78 2.85
CA GLU B 134 30.76 2.51 3.34
C GLU B 134 30.72 1.42 2.28
N MET B 135 30.47 1.81 1.04
CA MET B 135 30.31 0.82 -0.03
C MET B 135 31.57 -0.02 -0.13
N THR B 136 31.39 -1.29 -0.45
CA THR B 136 32.52 -2.19 -0.58
C THR B 136 32.89 -2.47 -2.03
N THR B 137 32.10 -1.97 -2.98
CA THR B 137 32.48 -2.12 -4.39
C THR B 137 33.77 -1.38 -4.60
N ARG B 138 34.71 -2.06 -5.23
CA ARG B 138 36.11 -1.65 -5.26
C ARG B 138 36.58 -1.44 -6.70
N ALA B 139 37.33 -0.37 -6.95
CA ALA B 139 37.99 -0.18 -8.24
C ALA B 139 39.51 -0.08 -8.05
N ASP B 140 40.23 -1.12 -8.48
CA ASP B 140 41.68 -1.13 -8.31
C ASP B 140 42.41 -0.76 -9.59
N LYS B 141 43.26 0.26 -9.48
CA LYS B 141 44.06 0.72 -10.60
C LYS B 141 44.97 -0.39 -11.08
N ASN B 142 44.99 -0.58 -12.39
CA ASN B 142 45.88 -1.54 -13.02
C ASN B 142 46.31 -0.96 -14.37
N GLY B 143 47.46 -0.30 -14.40
CA GLY B 143 47.92 0.39 -15.59
C GLY B 143 47.01 1.56 -15.92
N ASP B 144 46.47 1.56 -17.13
CA ASP B 144 45.55 2.61 -17.56
C ASP B 144 44.09 2.17 -17.39
N HIS B 145 43.88 1.08 -16.67
CA HIS B 145 42.52 0.60 -16.41
C HIS B 145 42.24 0.57 -14.91
N TYR B 146 40.97 0.37 -14.57
CA TYR B 146 40.54 0.06 -13.21
C TYR B 146 39.79 -1.27 -13.23
N ILE B 147 40.09 -2.12 -12.26
CA ILE B 147 39.42 -3.41 -12.21
C ILE B 147 38.38 -3.37 -11.08
N LEU B 148 37.13 -3.60 -11.43
CA LEU B 148 36.01 -3.44 -10.49
C LEU B 148 35.53 -4.77 -9.95
N ASN B 149 35.32 -4.82 -8.64
CA ASN B 149 34.73 -5.97 -7.99
C ASN B 149 33.72 -5.52 -6.95
N GLY B 150 32.56 -6.15 -6.94
CA GLY B 150 31.55 -5.77 -5.97
C GLY B 150 30.16 -6.15 -6.39
N GLU B 151 29.18 -5.56 -5.70
CA GLU B 151 27.79 -5.90 -5.93
C GLU B 151 26.94 -4.70 -5.59
N LYS B 152 26.02 -4.36 -6.47
CA LYS B 152 25.01 -3.34 -6.18
C LYS B 152 23.65 -4.02 -6.13
N TYR B 153 22.63 -3.31 -5.65
CA TYR B 153 21.27 -3.85 -5.74
C TYR B 153 20.22 -2.74 -5.81
N TRP B 154 18.97 -3.13 -6.03
CA TRP B 154 17.90 -2.21 -6.35
C TRP B 154 18.28 -1.27 -7.49
N ILE B 155 18.99 -1.81 -8.47
CA ILE B 155 19.40 -1.04 -9.63
C ILE B 155 18.24 -0.92 -10.63
N THR B 156 17.70 0.29 -10.74
CA THR B 156 16.55 0.55 -11.58
C THR B 156 16.94 0.47 -13.07
N GLY B 157 16.39 -0.51 -13.78
CA GLY B 157 16.76 -0.76 -15.17
C GLY B 157 17.69 -1.95 -15.34
N GLY B 158 17.96 -2.68 -14.27
CA GLY B 158 18.81 -3.85 -14.34
C GLY B 158 18.31 -4.81 -15.39
N GLY B 159 19.15 -5.08 -16.39
CA GLY B 159 18.79 -5.98 -17.46
C GLY B 159 18.18 -5.31 -18.69
N VAL B 160 17.84 -4.03 -18.58
CA VAL B 160 17.29 -3.33 -19.74
C VAL B 160 18.10 -2.08 -20.06
N SER B 161 18.68 -1.45 -19.05
CA SER B 161 19.56 -0.29 -19.25
C SER B 161 20.83 -0.73 -19.95
N LYS B 162 21.36 0.14 -20.80
CA LYS B 162 22.61 -0.15 -21.48
C LYS B 162 23.74 0.64 -20.83
N LEU B 163 23.59 1.95 -20.75
CA LEU B 163 24.55 2.81 -20.08
C LEU B 163 24.50 2.63 -18.56
N HIS B 164 25.63 2.35 -17.94
CA HIS B 164 25.71 2.26 -16.48
C HIS B 164 26.74 3.22 -15.93
N LEU B 165 26.40 3.86 -14.81
CA LEU B 165 27.35 4.69 -14.10
C LEU B 165 27.55 4.06 -12.72
N ILE B 166 28.73 3.50 -12.49
CA ILE B 166 28.98 2.69 -11.30
C ILE B 166 29.90 3.41 -10.33
N PHE B 167 29.46 3.53 -9.08
CA PHE B 167 30.27 4.14 -8.05
C PHE B 167 31.05 3.10 -7.28
N ALA B 168 32.34 3.33 -7.11
CA ALA B 168 33.19 2.36 -6.46
C ALA B 168 34.26 3.07 -5.64
N ARG B 169 34.75 2.40 -4.62
CA ARG B 169 35.87 2.94 -3.86
C ARG B 169 37.14 2.66 -4.65
N VAL B 170 37.89 3.72 -4.96
CA VAL B 170 39.06 3.62 -5.83
C VAL B 170 40.36 3.41 -5.04
N PHE B 171 41.13 2.38 -5.41
CA PHE B 171 42.42 2.12 -4.79
C PHE B 171 43.56 2.14 -5.82
N ASP B 172 44.66 2.79 -5.45
CA ASP B 172 45.89 2.79 -6.26
C ASP B 172 46.99 2.16 -5.43
N ASP B 173 47.40 0.94 -5.81
CA ASP B 173 48.42 0.21 -5.06
C ASP B 173 48.00 -0.03 -3.61
N GLY B 174 46.72 -0.37 -3.41
CA GLY B 174 46.20 -0.62 -2.07
C GLY B 174 45.76 0.63 -1.32
N VAL B 175 46.16 1.79 -1.82
CA VAL B 175 45.87 3.05 -1.17
C VAL B 175 44.57 3.68 -1.66
N GLU B 176 43.62 3.86 -0.75
CA GLU B 176 42.32 4.40 -1.11
C GLU B 176 42.41 5.86 -1.56
N GLN B 177 41.76 6.17 -2.68
CA GLN B 177 41.82 7.50 -3.28
C GLN B 177 40.54 8.28 -3.06
N GLY B 178 39.45 7.57 -2.77
CA GLY B 178 38.14 8.17 -2.65
C GLY B 178 37.14 7.34 -3.42
N ILE B 179 35.93 7.87 -3.60
CA ILE B 179 34.90 7.21 -4.39
C ILE B 179 34.88 7.82 -5.78
N GLY B 180 34.89 6.96 -6.81
CA GLY B 180 34.85 7.42 -8.18
C GLY B 180 33.71 6.80 -9.00
N ALA B 181 33.40 7.42 -10.13
CA ALA B 181 32.32 6.95 -10.99
C ALA B 181 32.85 6.43 -12.32
N PHE B 182 32.37 5.26 -12.73
CA PHE B 182 32.88 4.56 -13.91
C PHE B 182 31.77 4.28 -14.89
N ILE B 183 32.02 4.61 -16.16
CA ILE B 183 31.06 4.39 -17.21
C ILE B 183 31.27 3.04 -17.90
N THR B 184 30.17 2.30 -18.09
CA THR B 184 30.21 1.10 -18.89
C THR B 184 28.88 0.94 -19.65
N VAL B 185 28.91 0.15 -20.71
CA VAL B 185 27.74 -0.09 -21.56
C VAL B 185 27.48 -1.59 -21.69
N LEU B 186 26.32 -2.02 -21.22
CA LEU B 186 25.93 -3.43 -21.30
C LEU B 186 25.24 -3.73 -22.63
N ASP B 187 25.75 -4.71 -23.36
CA ASP B 187 25.04 -5.23 -24.52
C ASP B 187 25.06 -6.76 -24.48
N ASP B 188 24.70 -7.39 -25.59
CA ASP B 188 24.64 -8.85 -25.64
C ASP B 188 26.04 -9.47 -25.65
N HIS B 189 27.00 -8.75 -26.23
CA HIS B 189 28.38 -9.21 -26.29
C HIS B 189 29.02 -9.23 -24.89
N GLY B 190 29.12 -8.05 -24.28
CA GLY B 190 29.69 -7.91 -22.95
C GLY B 190 29.16 -6.71 -22.20
N PRO B 191 29.98 -6.12 -21.32
CA PRO B 191 31.39 -6.47 -21.12
C PRO B 191 31.58 -7.64 -20.17
N GLU B 192 32.76 -8.26 -20.25
CA GLU B 192 33.12 -9.35 -19.35
C GLU B 192 33.08 -8.90 -17.89
N GLY B 193 32.45 -9.69 -17.03
CA GLY B 193 32.45 -9.40 -15.61
C GLY B 193 31.35 -8.46 -15.12
N LEU B 194 30.48 -8.00 -16.00
CA LEU B 194 29.30 -7.25 -15.57
C LEU B 194 28.13 -8.21 -15.63
N LYS B 195 27.60 -8.58 -14.47
CA LYS B 195 26.54 -9.57 -14.43
C LYS B 195 25.29 -9.04 -13.73
N VAL B 196 24.18 -9.11 -14.43
CA VAL B 196 22.90 -8.77 -13.83
C VAL B 196 22.47 -9.86 -12.86
N GLY B 197 22.25 -9.48 -11.61
CA GLY B 197 21.82 -10.41 -10.58
C GLY B 197 20.31 -10.59 -10.55
N ARG B 198 19.80 -11.13 -9.45
CA ARG B 198 18.38 -11.43 -9.35
C ARG B 198 17.51 -10.18 -9.36
N ARG B 199 16.29 -10.34 -9.87
CA ARG B 199 15.30 -9.28 -9.83
C ARG B 199 14.67 -9.18 -8.45
N LEU B 200 14.53 -7.95 -7.96
CA LEU B 200 13.86 -7.69 -6.71
C LEU B 200 12.46 -7.21 -7.06
N TYR B 201 11.48 -8.08 -6.90
CA TYR B 201 10.11 -7.73 -7.21
C TYR B 201 9.57 -6.74 -6.18
N ALA B 202 8.81 -5.74 -6.63
CA ALA B 202 8.52 -4.59 -5.77
C ALA B 202 7.03 -4.36 -5.53
N MET B 203 6.73 -3.67 -4.43
CA MET B 203 5.37 -3.27 -4.12
C MET B 203 4.72 -2.52 -5.27
N GLY B 204 5.47 -1.59 -5.88
CA GLY B 204 4.93 -0.79 -6.96
C GLY B 204 5.98 -0.32 -7.96
N VAL B 205 5.58 0.61 -8.82
CA VAL B 205 6.29 0.99 -10.05
C VAL B 205 6.96 -0.24 -10.69
N ARG B 206 6.14 -1.25 -10.92
CA ARG B 206 6.62 -2.61 -11.24
C ARG B 206 7.13 -2.79 -12.67
N GLY B 207 6.91 -1.79 -13.51
CA GLY B 207 7.26 -1.86 -14.92
C GLY B 207 8.74 -1.64 -15.22
N ILE B 208 9.53 -1.24 -14.23
CA ILE B 208 10.98 -1.24 -14.42
C ILE B 208 11.57 -2.29 -13.51
N PRO B 209 12.42 -3.16 -14.06
CA PRO B 209 13.09 -4.16 -13.23
C PRO B 209 14.14 -3.52 -12.33
N GLU B 210 14.14 -3.96 -11.09
CA GLU B 210 15.11 -3.56 -10.08
C GLU B 210 15.92 -4.80 -9.78
N THR B 211 17.24 -4.74 -9.92
CA THR B 211 18.02 -5.96 -9.80
C THR B 211 19.29 -5.81 -8.96
N HIS B 212 19.84 -6.96 -8.57
CA HIS B 212 21.21 -6.98 -8.11
C HIS B 212 22.11 -6.86 -9.34
N LEU B 213 23.33 -6.40 -9.11
CA LEU B 213 24.29 -6.22 -10.18
C LEU B 213 25.68 -6.57 -9.63
N GLU B 214 26.38 -7.50 -10.27
CA GLU B 214 27.68 -7.95 -9.80
C GLU B 214 28.81 -7.53 -10.75
N PHE B 215 29.96 -7.20 -10.16
CA PHE B 215 31.15 -6.92 -10.94
C PHE B 215 32.22 -7.93 -10.58
N HIS B 216 32.68 -8.69 -11.57
CA HIS B 216 33.73 -9.69 -11.39
C HIS B 216 34.92 -9.37 -12.28
N ASP B 217 35.91 -8.67 -11.74
CA ASP B 217 37.05 -8.17 -12.52
C ASP B 217 36.55 -7.46 -13.78
N LEU B 218 35.58 -6.57 -13.58
CA LEU B 218 35.11 -5.75 -14.69
C LEU B 218 36.15 -4.70 -15.03
N LYS B 219 36.64 -4.72 -16.27
CA LYS B 219 37.77 -3.88 -16.67
C LYS B 219 37.33 -2.58 -17.34
N ILE B 220 37.67 -1.45 -16.72
CA ILE B 220 37.27 -0.16 -17.23
C ILE B 220 38.49 0.70 -17.51
N HIS B 221 38.58 1.21 -18.74
CA HIS B 221 39.68 2.10 -19.09
C HIS B 221 39.51 3.43 -18.38
N LYS B 222 40.63 4.10 -18.09
CA LYS B 222 40.59 5.32 -17.29
C LYS B 222 39.89 6.47 -18.04
N SER B 223 39.77 6.34 -19.35
CA SER B 223 39.04 7.31 -20.16
C SER B 223 37.53 7.20 -19.95
N MET B 224 37.10 6.14 -19.27
CA MET B 224 35.68 5.96 -18.97
C MET B 224 35.43 6.14 -17.46
N MET B 225 36.42 6.66 -16.75
CA MET B 225 36.21 7.14 -15.39
C MET B 225 35.95 8.64 -15.41
N ILE B 226 35.00 9.10 -14.61
CA ILE B 226 34.79 10.53 -14.52
C ILE B 226 35.90 11.10 -13.66
N THR B 227 36.73 11.97 -14.24
CA THR B 227 37.94 12.42 -13.57
C THR B 227 37.88 13.88 -13.20
N PHE B 228 38.41 14.20 -12.03
CA PHE B 228 38.40 15.56 -11.52
C PHE B 228 39.83 16.04 -11.32
N PRO B 229 40.15 17.22 -11.87
CA PRO B 229 41.47 17.84 -11.83
C PRO B 229 42.09 17.94 -10.43
N ASP B 230 41.28 17.93 -9.37
CA ASP B 230 41.84 18.01 -8.02
C ASP B 230 41.14 17.12 -6.98
N GLY B 231 41.23 15.81 -7.17
CA GLY B 231 40.85 14.88 -6.11
C GLY B 231 39.43 14.35 -6.12
N LEU B 232 39.33 13.04 -5.93
CA LEU B 232 38.06 12.33 -5.90
C LEU B 232 37.26 12.70 -4.64
N LYS B 233 37.97 13.16 -3.62
CA LYS B 233 37.37 13.49 -2.34
C LYS B 233 36.44 14.70 -2.45
N ARG B 234 36.67 15.53 -3.44
CA ARG B 234 35.78 16.65 -3.73
C ARG B 234 34.91 16.32 -4.94
N GLY B 235 35.40 15.42 -5.78
CA GLY B 235 34.67 14.98 -6.96
C GLY B 235 33.44 14.15 -6.67
N PHE B 236 33.53 13.28 -5.67
CA PHE B 236 32.38 12.50 -5.24
C PHE B 236 31.26 13.39 -4.74
N ALA B 237 31.64 14.45 -4.03
CA ALA B 237 30.67 15.44 -3.55
C ALA B 237 30.04 16.15 -4.73
N ALA B 238 30.86 16.44 -5.74
CA ALA B 238 30.37 17.08 -6.95
C ALA B 238 29.44 16.16 -7.74
N LEU B 239 29.80 14.88 -7.83
CA LEU B 239 28.97 13.88 -8.49
C LEU B 239 27.61 13.77 -7.82
N MET B 240 27.59 13.85 -6.50
CA MET B 240 26.35 13.65 -5.78
C MET B 240 25.47 14.89 -5.90
N SER B 241 26.00 16.01 -6.36
CA SER B 241 25.19 17.19 -6.61
CA SER B 241 25.19 17.20 -6.61
C SER B 241 24.28 16.97 -7.81
N ALA B 242 24.73 16.16 -8.77
CA ALA B 242 23.91 15.79 -9.93
C ALA B 242 22.64 15.07 -9.46
N TYR B 243 22.73 14.46 -8.28
CA TYR B 243 21.61 13.77 -7.66
C TYR B 243 20.55 14.67 -7.07
N ASN B 244 20.92 15.93 -6.80
CA ASN B 244 19.94 16.90 -6.35
C ASN B 244 18.90 17.07 -7.42
N ALA B 245 19.34 16.96 -8.67
CA ALA B 245 18.41 17.10 -9.78
C ALA B 245 17.51 15.88 -9.85
N GLN B 246 18.09 14.68 -9.70
CA GLN B 246 17.32 13.43 -9.75
C GLN B 246 16.22 13.46 -8.69
N ARG B 247 16.55 13.98 -7.50
CA ARG B 247 15.59 14.04 -6.40
C ARG B 247 14.36 14.87 -6.74
N VAL B 248 14.55 16.01 -7.40
CA VAL B 248 13.42 16.84 -7.76
C VAL B 248 12.56 16.07 -8.78
N GLY B 249 13.21 15.41 -9.73
CA GLY B 249 12.50 14.59 -10.71
C GLY B 249 11.69 13.49 -10.05
N ALA B 250 12.28 12.78 -9.10
CA ALA B 250 11.57 11.71 -8.41
C ALA B 250 10.41 12.27 -7.59
N GLY B 251 10.60 13.46 -7.01
CA GLY B 251 9.53 14.13 -6.30
C GLY B 251 8.38 14.44 -7.25
N ALA B 252 8.72 14.82 -8.48
CA ALA B 252 7.71 15.11 -9.50
C ALA B 252 6.92 13.85 -9.92
N VAL B 253 7.57 12.68 -9.89
CA VAL B 253 6.86 11.43 -10.16
C VAL B 253 5.84 11.18 -9.05
N ALA B 254 6.30 11.22 -7.82
CA ALA B 254 5.41 11.11 -6.67
C ALA B 254 4.22 12.09 -6.79
N LEU B 255 4.51 13.33 -7.15
CA LEU B 255 3.47 14.35 -7.30
C LEU B 255 2.49 14.00 -8.42
N GLY B 256 3.00 13.52 -9.55
CA GLY B 256 2.15 13.16 -10.67
C GLY B 256 1.20 12.02 -10.34
N ILE B 257 1.74 11.01 -9.65
CA ILE B 257 0.93 9.90 -9.17
C ILE B 257 -0.20 10.40 -8.29
N ALA B 258 0.14 11.27 -7.33
CA ALA B 258 -0.86 11.79 -6.42
C ALA B 258 -1.86 12.68 -7.16
N GLN B 259 -1.38 13.44 -8.13
CA GLN B 259 -2.28 14.36 -8.85
C GLN B 259 -3.32 13.57 -9.64
N CYS B 260 -2.85 12.48 -10.25
CA CYS B 260 -3.76 11.57 -10.95
C CYS B 260 -4.79 10.98 -10.01
N ALA B 261 -4.33 10.45 -8.88
CA ALA B 261 -5.25 9.86 -7.89
C ALA B 261 -6.27 10.87 -7.41
N PHE B 262 -5.81 12.10 -7.22
CA PHE B 262 -6.66 13.20 -6.78
C PHE B 262 -7.76 13.48 -7.80
N GLU B 263 -7.37 13.61 -9.06
CA GLU B 263 -8.32 13.91 -10.12
C GLU B 263 -9.38 12.80 -10.23
N GLU B 264 -8.92 11.56 -10.18
CA GLU B 264 -9.81 10.41 -10.23
C GLU B 264 -10.74 10.39 -9.04
N GLY B 265 -10.21 10.72 -7.87
CA GLY B 265 -11.02 10.75 -6.66
C GLY B 265 -12.10 11.82 -6.72
N VAL B 266 -11.72 13.00 -7.17
CA VAL B 266 -12.67 14.10 -7.29
C VAL B 266 -13.78 13.78 -8.30
N ALA B 267 -13.41 13.21 -9.43
CA ALA B 267 -14.40 12.81 -10.42
C ALA B 267 -15.35 11.76 -9.86
N TYR B 268 -14.82 10.83 -9.06
CA TYR B 268 -15.67 9.79 -8.49
C TYR B 268 -16.69 10.40 -7.52
N LEU B 269 -16.26 11.33 -6.68
CA LEU B 269 -17.17 11.96 -5.72
C LEU B 269 -18.36 12.63 -6.40
N LYS B 270 -18.15 13.14 -7.61
CA LYS B 270 -19.20 13.87 -8.29
C LYS B 270 -20.18 12.91 -8.99
N ARG B 271 -19.72 11.72 -9.37
CA ARG B 271 -20.62 10.81 -10.06
C ARG B 271 -21.25 9.77 -9.15
N ARG B 272 -20.54 9.36 -8.10
CA ARG B 272 -21.04 8.34 -7.17
C ARG B 272 -22.10 8.90 -6.23
N GLU B 273 -23.26 8.25 -6.13
CA GLU B 273 -24.29 8.69 -5.20
C GLU B 273 -24.59 7.67 -4.10
N GLN B 274 -24.75 8.17 -2.88
CA GLN B 274 -25.37 7.44 -1.77
C GLN B 274 -26.29 8.42 -1.05
N PHE B 275 -27.35 7.90 -0.41
CA PHE B 275 -28.31 8.74 0.28
C PHE B 275 -28.97 9.73 -0.67
N GLY B 276 -29.09 9.35 -1.93
CA GLY B 276 -29.84 10.12 -2.90
C GLY B 276 -29.12 11.29 -3.54
N ARG B 277 -27.79 11.36 -3.37
CA ARG B 277 -27.04 12.52 -3.83
C ARG B 277 -25.55 12.20 -4.06
N PRO B 278 -24.87 12.99 -4.90
CA PRO B 278 -23.44 12.77 -5.09
C PRO B 278 -22.65 12.92 -3.79
N LEU B 279 -21.66 12.06 -3.61
CA LEU B 279 -20.75 12.14 -2.47
C LEU B 279 -20.13 13.54 -2.32
N ALA B 280 -19.99 14.23 -3.45
CA ALA B 280 -19.43 15.57 -3.47
C ALA B 280 -20.17 16.56 -2.56
N GLU B 281 -21.41 16.23 -2.21
CA GLU B 281 -22.22 17.14 -1.41
C GLU B 281 -21.97 17.00 0.09
N PHE B 282 -21.15 16.04 0.49
CA PHE B 282 -20.85 15.86 1.92
C PHE B 282 -19.65 16.70 2.37
N GLN B 283 -19.84 17.51 3.41
CA GLN B 283 -18.83 18.50 3.77
C GLN B 283 -17.54 17.84 4.29
N GLY B 284 -17.68 16.71 4.97
CA GLY B 284 -16.52 15.97 5.45
C GLY B 284 -15.58 15.62 4.31
N LEU B 285 -16.14 15.12 3.21
CA LEU B 285 -15.37 14.82 2.01
C LEU B 285 -14.89 16.09 1.27
N GLN B 286 -15.71 17.14 1.26
CA GLN B 286 -15.29 18.40 0.67
C GLN B 286 -14.01 18.91 1.32
N TRP B 287 -13.94 18.79 2.63
CA TRP B 287 -12.74 19.27 3.32
C TRP B 287 -11.53 18.36 3.08
N MET B 288 -11.78 17.07 2.89
CA MET B 288 -10.69 16.17 2.52
C MET B 288 -10.14 16.59 1.16
N VAL B 289 -11.05 16.93 0.25
CA VAL B 289 -10.68 17.40 -1.06
C VAL B 289 -9.88 18.70 -0.99
N ALA B 290 -10.31 19.61 -0.12
CA ALA B 290 -9.59 20.87 0.05
C ALA B 290 -8.19 20.62 0.59
N ASP B 291 -8.07 19.75 1.58
CA ASP B 291 -6.76 19.45 2.17
C ASP B 291 -5.79 18.89 1.12
N MET B 292 -6.28 17.97 0.29
CA MET B 292 -5.45 17.39 -0.75
C MET B 292 -4.97 18.47 -1.71
N SER B 293 -5.87 19.35 -2.12
CA SER B 293 -5.54 20.40 -3.07
CA SER B 293 -5.51 20.37 -3.10
C SER B 293 -4.46 21.33 -2.53
N VAL B 294 -4.62 21.72 -1.26
CA VAL B 294 -3.66 22.60 -0.62
C VAL B 294 -2.26 21.95 -0.60
N GLN B 295 -2.19 20.68 -0.25
CA GLN B 295 -0.89 20.03 -0.14
C GLN B 295 -0.27 19.78 -1.52
N LEU B 296 -1.10 19.44 -2.51
CA LEU B 296 -0.62 19.26 -3.88
C LEU B 296 -0.01 20.54 -4.42
N GLU B 297 -0.71 21.64 -4.22
CA GLU B 297 -0.25 22.94 -4.68
C GLU B 297 1.07 23.33 -4.06
N ALA B 298 1.19 23.11 -2.75
CA ALA B 298 2.43 23.37 -2.03
C ALA B 298 3.57 22.52 -2.58
N ALA B 299 3.30 21.22 -2.77
CA ALA B 299 4.32 20.29 -3.28
C ALA B 299 4.80 20.72 -4.66
N ARG B 300 3.86 21.13 -5.52
CA ARG B 300 4.22 21.54 -6.87
C ARG B 300 5.13 22.78 -6.81
N LEU B 301 4.76 23.75 -5.98
CA LEU B 301 5.58 24.95 -5.78
C LEU B 301 6.97 24.60 -5.25
N MET B 302 7.01 23.70 -4.26
CA MET B 302 8.29 23.28 -3.68
C MET B 302 9.21 22.67 -4.72
N LEU B 303 8.65 21.80 -5.57
CA LEU B 303 9.46 21.13 -6.60
C LEU B 303 9.97 22.09 -7.68
N ARG B 304 9.08 22.94 -8.17
CA ARG B 304 9.49 23.91 -9.19
C ARG B 304 10.48 24.93 -8.63
N SER B 305 10.28 25.33 -7.38
CA SER B 305 11.22 26.23 -6.71
C SER B 305 12.60 25.59 -6.60
N ALA B 306 12.63 24.33 -6.19
CA ALA B 306 13.89 23.63 -6.11
C ALA B 306 14.53 23.49 -7.50
N ALA B 307 13.70 23.23 -8.52
CA ALA B 307 14.22 22.99 -9.86
C ALA B 307 15.02 24.19 -10.39
N VAL B 308 14.64 25.40 -10.01
CA VAL B 308 15.35 26.57 -10.53
C VAL B 308 16.43 27.06 -9.57
N SER B 309 16.63 26.36 -8.47
CA SER B 309 17.64 26.77 -7.51
C SER B 309 19.02 26.24 -7.92
N GLY B 310 20.05 26.67 -7.20
CA GLY B 310 21.40 26.15 -7.38
C GLY B 310 22.07 26.69 -8.62
N GLU B 311 23.10 25.98 -9.09
CA GLU B 311 23.81 26.40 -10.29
C GLU B 311 23.55 25.46 -11.45
N THR B 312 24.41 24.47 -11.62
CA THR B 312 24.16 23.45 -12.63
C THR B 312 22.99 22.59 -12.20
N PHE B 313 23.00 22.21 -10.93
CA PHE B 313 21.96 21.36 -10.36
C PHE B 313 21.22 22.11 -9.26
N PRO B 314 19.99 21.66 -8.91
CA PRO B 314 19.27 22.28 -7.80
C PRO B 314 20.10 22.34 -6.52
N ASP B 315 19.87 23.35 -5.70
CA ASP B 315 20.48 23.43 -4.39
C ASP B 315 20.14 22.18 -3.58
N ILE B 316 21.14 21.55 -2.97
CA ILE B 316 20.95 20.27 -2.28
C ILE B 316 19.86 20.33 -1.19
N ASN B 317 19.75 21.46 -0.52
CA ASN B 317 18.79 21.55 0.58
C ASN B 317 17.37 21.90 0.13
N LYS B 318 17.24 22.76 -0.86
CA LYS B 318 15.92 23.00 -1.44
C LYS B 318 15.40 21.72 -2.09
N ALA B 319 16.29 20.96 -2.71
CA ALA B 319 15.90 19.69 -3.31
C ALA B 319 15.46 18.71 -2.23
N ALA B 320 16.22 18.61 -1.15
CA ALA B 320 15.87 17.69 -0.06
C ALA B 320 14.51 18.07 0.54
N GLN B 321 14.30 19.36 0.74
CA GLN B 321 13.05 19.83 1.35
C GLN B 321 11.86 19.50 0.48
N ALA B 322 11.99 19.76 -0.82
CA ALA B 322 10.93 19.49 -1.77
C ALA B 322 10.64 17.99 -1.89
N LYS B 323 11.67 17.16 -1.83
CA LYS B 323 11.48 15.72 -1.98
C LYS B 323 10.82 15.13 -0.73
N ILE B 324 11.19 15.64 0.43
CA ILE B 324 10.50 15.26 1.65
C ILE B 324 9.02 15.59 1.51
N PHE B 325 8.75 16.84 1.15
CA PHE B 325 7.38 17.32 1.10
C PHE B 325 6.57 16.57 0.06
N ALA B 326 7.09 16.46 -1.16
CA ALA B 326 6.35 15.84 -2.26
C ALA B 326 6.02 14.38 -1.99
N ALA B 327 6.99 13.64 -1.45
CA ALA B 327 6.79 12.20 -1.27
C ALA B 327 5.78 11.93 -0.15
N GLU B 328 5.84 12.70 0.92
CA GLU B 328 4.92 12.50 2.02
C GLU B 328 3.52 12.93 1.60
N THR B 329 3.44 14.00 0.81
CA THR B 329 2.17 14.44 0.24
C THR B 329 1.54 13.34 -0.57
N ALA B 330 2.33 12.70 -1.43
CA ALA B 330 1.81 11.67 -2.31
C ALA B 330 1.28 10.49 -1.53
N ASN B 331 1.98 10.07 -0.48
CA ASN B 331 1.49 8.94 0.33
C ASN B 331 0.14 9.27 0.95
N LYS B 332 -0.02 10.50 1.44
CA LYS B 332 -1.30 10.85 2.05
C LYS B 332 -2.41 11.02 1.00
N VAL B 333 -2.10 11.72 -0.08
CA VAL B 333 -3.13 11.97 -1.09
C VAL B 333 -3.60 10.69 -1.79
N THR B 334 -2.67 9.80 -2.14
CA THR B 334 -3.11 8.57 -2.81
C THR B 334 -3.97 7.72 -1.88
N ASN B 335 -3.64 7.68 -0.60
CA ASN B 335 -4.44 6.88 0.33
C ASN B 335 -5.83 7.47 0.50
N ASP B 336 -5.88 8.79 0.63
CA ASP B 336 -7.16 9.47 0.83
C ASP B 336 -8.05 9.46 -0.41
N ALA B 337 -7.45 9.60 -1.61
CA ALA B 337 -8.21 9.42 -2.85
C ALA B 337 -8.77 8.01 -3.00
N LEU B 338 -7.98 7.01 -2.62
CA LEU B 338 -8.46 5.63 -2.57
C LEU B 338 -9.70 5.53 -1.67
N GLN B 339 -9.66 6.23 -0.55
CA GLN B 339 -10.76 6.20 0.41
C GLN B 339 -12.08 6.66 -0.23
N PHE B 340 -11.99 7.62 -1.14
CA PHE B 340 -13.19 8.15 -1.80
C PHE B 340 -13.96 7.08 -2.57
N PHE B 341 -13.25 6.04 -3.00
CA PHE B 341 -13.85 4.98 -3.80
C PHE B 341 -14.53 3.88 -2.97
N GLY B 342 -14.40 3.91 -1.65
CA GLY B 342 -14.90 2.84 -0.82
C GLY B 342 -14.28 1.50 -1.20
N SER B 343 -15.07 0.43 -1.13
CA SER B 343 -14.59 -0.92 -1.41
CA SER B 343 -14.60 -0.92 -1.42
C SER B 343 -13.99 -1.05 -2.82
N SER B 344 -14.57 -0.34 -3.79
CA SER B 344 -14.01 -0.34 -5.15
C SER B 344 -12.54 0.12 -5.15
N GLY B 345 -12.20 1.02 -4.23
CA GLY B 345 -10.84 1.51 -4.16
C GLY B 345 -9.85 0.42 -3.73
N TYR B 346 -10.36 -0.61 -3.06
CA TYR B 346 -9.51 -1.72 -2.62
C TYR B 346 -9.40 -2.82 -3.69
N GLY B 347 -10.21 -2.71 -4.73
CA GLY B 347 -10.17 -3.68 -5.83
C GLY B 347 -9.09 -3.35 -6.85
N ARG B 348 -8.35 -4.37 -7.29
CA ARG B 348 -7.26 -4.14 -8.24
C ARG B 348 -7.79 -3.87 -9.65
N HIS B 349 -9.11 -3.97 -9.84
CA HIS B 349 -9.71 -3.63 -11.13
C HIS B 349 -9.86 -2.12 -11.27
N ASN B 350 -9.56 -1.40 -10.19
CA ASN B 350 -9.45 0.05 -10.22
C ASN B 350 -8.00 0.43 -9.94
N PRO B 351 -7.55 1.61 -10.40
CA PRO B 351 -6.14 1.98 -10.28
C PRO B 351 -5.74 2.62 -8.94
N MET B 352 -6.68 2.80 -8.03
CA MET B 352 -6.37 3.55 -6.80
C MET B 352 -5.38 2.81 -5.89
N GLU B 353 -5.50 1.49 -5.80
CA GLU B 353 -4.59 0.76 -4.92
C GLU B 353 -3.19 0.76 -5.53
N ARG B 354 -3.10 0.75 -6.85
CA ARG B 354 -1.80 0.85 -7.50
C ARG B 354 -1.15 2.20 -7.20
N HIS B 355 -1.94 3.27 -7.14
CA HIS B 355 -1.34 4.59 -6.90
C HIS B 355 -0.65 4.62 -5.56
N VAL B 356 -1.27 3.99 -4.57
CA VAL B 356 -0.69 3.90 -3.23
C VAL B 356 0.60 3.10 -3.28
N ARG B 357 0.56 1.95 -3.95
CA ARG B 357 1.74 1.11 -4.06
C ARG B 357 2.85 1.85 -4.79
N ASP B 358 2.50 2.52 -5.89
CA ASP B 358 3.49 3.27 -6.67
C ASP B 358 4.11 4.42 -5.87
N ALA B 359 3.25 5.22 -5.24
CA ALA B 359 3.74 6.40 -4.50
C ALA B 359 4.70 6.01 -3.37
N ARG B 360 4.51 4.84 -2.79
CA ARG B 360 5.18 4.53 -1.52
C ARG B 360 6.71 4.47 -1.61
N MET B 361 7.27 4.27 -2.79
CA MET B 361 8.74 4.15 -2.88
C MET B 361 9.47 5.49 -2.68
N PHE B 362 8.76 6.60 -2.80
CA PHE B 362 9.47 7.88 -2.94
C PHE B 362 9.94 8.50 -1.63
N THR B 363 9.51 7.97 -0.50
CA THR B 363 10.15 8.35 0.77
C THR B 363 11.35 7.45 1.03
N ILE B 364 11.65 6.55 0.09
CA ILE B 364 12.74 5.59 0.30
C ILE B 364 13.88 5.74 -0.71
N ALA B 365 13.60 5.59 -2.00
CA ALA B 365 14.67 5.56 -3.01
C ALA B 365 15.41 6.90 -3.15
N GLY B 366 16.72 6.82 -3.40
CA GLY B 366 17.56 7.99 -3.66
C GLY B 366 17.90 8.82 -2.44
N GLY B 367 17.81 8.22 -1.26
CA GLY B 367 17.97 8.95 -0.01
C GLY B 367 16.62 9.01 0.70
N THR B 368 16.50 8.30 1.82
CA THR B 368 15.22 8.20 2.51
C THR B 368 14.80 9.54 3.10
N ALA B 369 13.51 9.67 3.41
CA ALA B 369 12.99 10.87 4.06
C ALA B 369 13.72 11.16 5.37
N GLN B 370 14.27 10.13 6.01
CA GLN B 370 15.00 10.32 7.27
C GLN B 370 16.36 10.93 6.99
N ILE B 371 17.05 10.39 6.01
CA ILE B 371 18.36 10.90 5.60
C ILE B 371 18.21 12.33 5.06
N LEU B 372 17.09 12.60 4.37
CA LEU B 372 16.86 13.95 3.88
C LEU B 372 16.59 14.93 5.02
N ARG B 373 15.90 14.49 6.06
CA ARG B 373 15.68 15.34 7.23
C ARG B 373 16.99 15.71 7.90
N THR B 374 17.89 14.74 8.03
CA THR B 374 19.22 15.02 8.55
C THR B 374 19.97 16.04 7.68
N GLN B 375 19.91 15.86 6.37
CA GLN B 375 20.54 16.81 5.44
C GLN B 375 20.02 18.25 5.65
N VAL B 376 18.70 18.39 5.63
CA VAL B 376 18.09 19.71 5.83
C VAL B 376 18.48 20.29 7.20
N ALA B 377 18.45 19.48 8.25
CA ALA B 377 18.88 19.95 9.58
C ALA B 377 20.32 20.44 9.58
N SER B 378 21.20 19.73 8.89
CA SER B 378 22.62 20.11 8.81
C SER B 378 22.75 21.51 8.21
N LYS B 379 21.92 21.80 7.22
CA LYS B 379 21.90 23.16 6.65
C LYS B 379 21.36 24.21 7.63
N ILE B 380 20.19 23.96 8.21
CA ILE B 380 19.57 24.92 9.12
C ILE B 380 20.42 25.19 10.37
N LEU B 381 20.95 24.11 10.95
CA LEU B 381 21.82 24.23 12.11
C LEU B 381 23.25 24.59 11.72
N ASP B 382 23.54 24.52 10.42
CA ASP B 382 24.85 24.87 9.85
C ASP B 382 25.96 24.09 10.55
N MET B 383 25.79 22.79 10.60
CA MET B 383 26.79 21.94 11.22
C MET B 383 26.82 20.58 10.56
N LYS B 384 27.98 19.95 10.56
CA LYS B 384 28.06 18.56 10.15
C LYS B 384 27.32 17.73 11.18
N LEU B 385 26.55 16.75 10.71
CA LEU B 385 25.82 15.86 11.61
C LEU B 385 26.30 14.43 11.39
N PRO B 386 27.50 14.11 11.93
CA PRO B 386 28.03 12.75 11.74
C PRO B 386 27.15 11.72 12.45
N GLN B 387 27.01 10.56 11.81
CA GLN B 387 26.10 9.54 12.28
C GLN B 387 26.82 8.38 12.96
N THR B 388 28.14 8.41 12.94
CA THR B 388 28.94 7.36 13.60
C THR B 388 28.93 7.52 15.12
N ARG B 389 29.30 6.46 15.83
CA ARG B 389 29.33 6.50 17.29
C ARG B 389 30.32 7.52 17.82
N ASP B 390 31.42 7.72 17.10
CA ASP B 390 32.46 8.63 17.55
C ASP B 390 32.43 9.99 16.84
N GLY B 391 31.36 10.26 16.10
CA GLY B 391 31.23 11.50 15.37
C GLY B 391 31.61 12.75 16.14
N TYR B 392 31.23 12.84 17.40
CA TYR B 392 31.63 13.97 18.25
C TYR B 392 32.72 13.59 19.26
N LEU B 393 33.92 13.28 18.76
CA LEU B 393 35.05 12.98 19.62
C LEU B 393 36.35 13.10 18.83
PA FAD C . -19.57 4.21 -0.47
O1A FAD C . -20.82 4.17 0.36
O2A FAD C . -19.85 4.36 -1.94
O5B FAD C . -18.69 5.46 0.00
C5B FAD C . -17.62 5.90 -0.81
C4B FAD C . -16.89 6.94 -0.05
O4B FAD C . -17.87 8.03 0.30
C3B FAD C . -16.38 6.42 1.22
O3B FAD C . -15.14 7.11 1.49
C2B FAD C . -17.37 6.75 2.25
O2B FAD C . -16.78 6.87 3.57
C1B FAD C . -17.92 8.04 1.77
N9A FAD C . -19.25 8.34 2.17
C8A FAD C . -20.26 7.72 1.89
N7A FAD C . -21.23 8.18 2.35
C5A FAD C . -20.99 9.30 3.09
C6A FAD C . -21.62 10.36 3.93
N6A FAD C . -23.03 10.41 4.18
N1A FAD C . -20.77 11.34 4.50
C2A FAD C . -19.46 11.31 4.28
N3A FAD C . -18.85 10.44 3.59
C4A FAD C . -19.40 9.49 2.99
N1 FAD C . -19.98 -6.33 2.25
C2 FAD C . -20.85 -7.44 2.68
O2 FAD C . -22.06 -7.30 2.68
N3 FAD C . -20.28 -8.68 3.10
C4 FAD C . -18.91 -8.87 3.10
O4 FAD C . -18.43 -9.96 3.38
C4X FAD C . -18.03 -7.77 2.71
N5 FAD C . -16.71 -7.94 2.71
C5X FAD C . -15.87 -6.87 2.26
C6 FAD C . -14.46 -7.07 2.26
C7 FAD C . -13.63 -6.05 1.83
C7M FAD C . -12.12 -6.28 1.82
C8 FAD C . -14.16 -4.82 1.42
C8M FAD C . -13.23 -3.70 0.95
C9 FAD C . -15.54 -4.60 1.41
C9A FAD C . -16.42 -5.63 1.84
N10 FAD C . -17.85 -5.43 1.85
C10 FAD C . -18.66 -6.47 2.25
C1' FAD C . -18.45 -4.20 1.41
C2' FAD C . -18.29 -3.04 2.42
O2' FAD C . -18.65 -3.42 3.73
C3' FAD C . -19.18 -1.91 1.96
O3' FAD C . -18.99 -1.72 0.57
C4' FAD C . -18.88 -0.64 2.71
O4' FAD C . -20.07 -0.18 3.25
C5' FAD C . -18.34 0.45 1.77
O5' FAD C . -19.43 0.78 0.94
P FAD C . -19.07 1.45 -0.45
O1P FAD C . -20.22 1.41 -1.46
O2P FAD C . -17.83 0.82 -1.05
O3P FAD C . -18.69 2.95 -0.16
C1 GOL D . -19.37 -6.53 7.11
O1 GOL D . -20.19 -5.85 6.19
C2 GOL D . -18.45 -7.49 6.35
O2 GOL D . -18.10 -8.59 7.15
C3 GOL D . -17.23 -6.71 5.83
O3 GOL D . -16.22 -6.68 6.80
PA FAD E . 19.17 1.69 5.15
O1A FAD E . 20.36 2.59 5.10
O2A FAD E . 19.46 0.27 5.53
O5B FAD E . 18.11 2.31 6.19
C5B FAD E . 16.99 1.59 6.66
C4B FAD E . 16.21 2.51 7.53
O4B FAD E . 17.15 3.11 8.53
C3B FAD E . 15.66 3.64 6.75
O3B FAD E . 14.35 3.98 7.30
C2B FAD E . 16.59 4.76 6.95
O2B FAD E . 15.95 6.05 6.76
C1B FAD E . 17.07 4.57 8.33
N9A FAD E . 18.33 5.13 8.58
C8A FAD E . 19.40 4.77 8.10
N7A FAD E . 20.32 5.38 8.49
C5A FAD E . 19.99 6.32 9.41
C6A FAD E . 20.51 7.42 10.28
N6A FAD E . 21.90 7.74 10.32
N1A FAD E . 19.60 8.14 11.09
C2A FAD E . 18.30 7.84 11.05
N3A FAD E . 17.78 6.93 10.33
C4A FAD E . 18.40 6.17 9.54
N1 FAD E . 20.06 2.62 -5.60
C2 FAD E . 20.98 2.88 -6.70
O2 FAD E . 22.17 3.03 -6.48
N3 FAD E . 20.49 3.03 -8.04
C4 FAD E . 19.14 2.85 -8.32
O4 FAD E . 18.74 2.81 -9.47
C4X FAD E . 18.19 2.60 -7.23
N5 FAD E . 16.87 2.44 -7.48
C5X FAD E . 15.97 2.12 -6.39
C6 FAD E . 14.57 1.94 -6.66
C7 FAD E . 13.70 1.62 -5.61
C7M FAD E . 12.20 1.41 -5.88
C8 FAD E . 14.19 1.50 -4.31
C8M FAD E . 13.24 1.19 -3.15
C9 FAD E . 15.54 1.68 -4.03
C9A FAD E . 16.46 1.99 -5.08
N10 FAD E . 17.88 2.18 -4.79
C10 FAD E . 18.75 2.46 -5.83
C1' FAD E . 18.39 2.03 -3.44
C2' FAD E . 18.14 3.22 -2.49
O2' FAD E . 18.53 4.44 -3.04
C3' FAD E . 18.98 2.99 -1.25
O3' FAD E . 18.84 1.66 -0.83
C4' FAD E . 18.59 3.99 -0.16
O4' FAD E . 19.71 4.76 0.16
C5' FAD E . 18.09 3.34 1.14
O5' FAD E . 19.09 2.41 1.48
P FAD E . 18.68 1.20 2.40
O1P FAD E . 19.89 0.28 2.50
O2P FAD E . 17.47 0.48 1.88
O3P FAD E . 18.35 1.78 3.82
C1 GOL F . 17.39 5.97 -6.61
O1 GOL F . 16.14 6.20 -7.20
C2 GOL F . 18.41 6.87 -7.30
O2 GOL F . 18.52 6.47 -8.65
C3 GOL F . 19.76 6.73 -6.60
O3 GOL F . 20.10 7.94 -5.98
#